data_7V35
#
_entry.id   7V35
#
loop_
_entity.id
_entity.type
_entity.pdbx_description
1 polymer 'Guanine nucleotide-binding protein G(s) subunit alpha isoforms short'
2 polymer 'Guanine nucleotide-binding protein G(I)/G(S)/G(T) subunit beta-1'
3 polymer 'Guanine nucleotide-binding protein G(I)/G(S)/G(O) subunit gamma-2'
4 polymer Nanobody-35
5 polymer 'Peptide 20'
6 polymer 'Glucagon receptor'
7 non-polymer 'N-hexadecanoyl-L-glutamic acid'
#
loop_
_entity_poly.entity_id
_entity_poly.type
_entity_poly.pdbx_seq_one_letter_code
_entity_poly.pdbx_strand_id
1 'polypeptide(L)'
;MGCLGNSKTEDQRNEEKAQREANKKIEKQLQKDKQVYRATHRLLLLGAGESGKNTIVKQMRILHVNGFNGEGGEEDPQAA
RSNSDGEKATKVQDIKNNLKEAIETIVAAMSNLVPPVELANPENQFRVDYILSVMNVPDFDFPPEFYEHAKALWEDEGVR
ACYERSNEYQLIDCAQYFLDKIDVIKQADYVPSDQDLLRCRVLTSGIFETKFQVDKVNFHMFDVGAQRDERRKWIQCFND
VTAIIFVVASSSYNMVIREDNQTNRLQAALKLFDSIWNNKWLRDTSVILFLNKQDLLAEKVLAGKSKIEDYFPEFARYTT
PEDATPEPGEDPRVTRAKYFIRDEFLRISTASGDGRHYCYPHFTCAVDTENIRRVFNDCRDIIQRMHLRQYELL
;
A
2 'polypeptide(L)'
;MGSLLQSELDQLRQEAEQLKNQIRDARKACADATLSQITNNIDPVGRIQMRTRRTLRGHLAKIYAMHWGTDSRLLVSASQ
DGKLIIWDSYTTNKVHAIPLRSSWVMTCAYAPSGNYVACGGLDNICSIYNLKTREGNVRVSRELAGHTGYLSCCRFLDDN
QIVTSSGDTTCALWDIETGQQTTTFTGHTGDVMSLSLAPDTRLFVSGACDASAKLWDVREGMCRQTFTGHESDINAICFF
PNGNAFATGSDDATCRLFDLRADQELMTYSHDNIICGITSVSFSKSGRLLLAGYDDFNCNVWDALKADRAGVLAGHDNRV
SCLGVTDDGMAVATGSWDSFLKIWN
;
B
3 'polypeptide(L)' MASNNTASIAQARKLVEQLKMEANIDRIKVSKAAADLMAYCEAHAKEDPLLTPVPASENPFREKKFFCAIL C
4 'polypeptide(L)'
;MAQVQLQESGGGLVQPGGSLRLSCAASGFTFSNYKMNWVRQAPGKGLEWVSDISQSGASISYTGSVKGRFTISRDNAKNT
LYLQMNSLKPEDTAVYYCARCPAPFTRDCFDVTSTTYAYRGQGTQVTVSSHHHHHHEPEA
;
N
5 'polypeptide(L)' H(AIB)QGTFTSDKSKYLDERAAQDFVQWLLDGGPSSGAPPPS P
6 'polypeptide(L)'
;QVMDFLFEKWKLYGDQCHHNLSLLPPPTELVCNRTFDKYSCWPDTPANTTANISCPWYLPWHHKVQHRFVFKRCGPDGQW
VRGPRGQPWRDASQCQMDGEEIEVQKEVAKMYSSFQVMYTVGYSLSLGALLLALAILGGLSKLHCTRNAIHANLFASFVL
KASSVLVIDGLLRTRYSQKIGDDLSVSTWLSDGAVAGCRVAAVFMQYGIVANYCWLLVEGLYLHNLLGLATLPERSFFSL
YLGIGWGAPMLFVVPWAVVKCLFENVQCWTSNDNMGFWWILRFPVFLAILINFFIFVRIVQLLVAKLRARQMHHTDYKFR
LAKSTLTLIPLLGVHEVVFAFVTDEHAQGTLRSAKLFFDLFLSSFQGLLVAVLYCFLNKEVQSELRRRWHRWRLGKVLWE
ERNTSN
;
R
#
loop_
_chem_comp.id
_chem_comp.type
_chem_comp.name
_chem_comp.formula
D6M non-polymer 'N-hexadecanoyl-L-glutamic acid' 'C21 H39 N O5'
#
# COMPACT_ATOMS: atom_id res chain seq x y z
N ASP A 11 37.56 -21.72 14.35
CA ASP A 11 37.47 -20.28 14.59
C ASP A 11 36.42 -19.64 13.69
N GLN A 12 36.87 -19.13 12.54
CA GLN A 12 36.01 -18.47 11.56
C GLN A 12 35.23 -17.31 12.17
N ARG A 13 35.91 -16.54 13.03
CA ARG A 13 35.30 -15.38 13.68
C ARG A 13 35.50 -14.09 12.90
N ASN A 14 36.16 -14.15 11.73
CA ASN A 14 36.40 -12.96 10.94
C ASN A 14 35.11 -12.43 10.32
N GLU A 15 34.12 -13.30 10.07
CA GLU A 15 32.87 -12.88 9.45
C GLU A 15 32.14 -11.87 10.33
N GLU A 16 31.73 -12.30 11.52
CA GLU A 16 31.12 -11.35 12.47
C GLU A 16 32.18 -10.63 13.29
N LYS A 17 33.21 -10.17 12.59
CA LYS A 17 34.14 -9.14 13.06
C LYS A 17 34.52 -8.15 11.98
N ALA A 18 34.26 -8.46 10.70
CA ALA A 18 34.48 -7.54 9.59
C ALA A 18 33.20 -7.23 8.84
N GLN A 19 32.44 -8.25 8.43
CA GLN A 19 31.23 -8.00 7.66
C GLN A 19 30.15 -7.31 8.48
N ARG A 20 30.19 -7.47 9.81
CA ARG A 20 29.18 -6.85 10.67
C ARG A 20 29.20 -5.33 10.55
N GLU A 21 30.40 -4.73 10.49
CA GLU A 21 30.47 -3.29 10.24
C GLU A 21 30.59 -2.96 8.77
N ALA A 22 31.01 -3.90 7.92
CA ALA A 22 31.03 -3.66 6.48
C ALA A 22 29.61 -3.49 5.93
N ASN A 23 28.64 -4.16 6.54
CA ASN A 23 27.25 -3.98 6.11
C ASN A 23 26.73 -2.58 6.45
N LYS A 24 27.08 -2.07 7.63
CA LYS A 24 26.51 -0.83 8.11
C LYS A 24 27.32 0.41 7.77
N LYS A 25 28.55 0.26 7.24
CA LYS A 25 29.25 1.45 6.77
C LYS A 25 28.66 1.98 5.47
N ILE A 26 27.95 1.15 4.71
CA ILE A 26 27.26 1.59 3.51
C ILE A 26 25.77 1.81 3.74
N GLU A 27 25.22 1.34 4.88
CA GLU A 27 23.83 1.60 5.18
C GLU A 27 23.59 3.07 5.52
N LYS A 28 24.59 3.73 6.11
CA LYS A 28 24.48 5.16 6.36
C LYS A 28 24.39 5.94 5.05
N GLN A 29 25.18 5.54 4.05
CA GLN A 29 25.06 6.17 2.74
C GLN A 29 23.75 5.80 2.05
N LEU A 30 23.17 4.65 2.39
CA LEU A 30 21.88 4.27 1.83
C LEU A 30 20.77 5.20 2.32
N GLN A 31 20.86 5.67 3.56
CA GLN A 31 19.90 6.64 4.06
C GLN A 31 20.02 7.96 3.30
N LYS A 32 21.24 8.39 3.01
CA LYS A 32 21.44 9.60 2.21
C LYS A 32 20.89 9.43 0.80
N ASP A 33 21.11 8.25 0.20
CA ASP A 33 20.55 7.96 -1.11
C ASP A 33 19.03 7.99 -1.10
N LYS A 34 18.43 7.42 -0.05
CA LYS A 34 16.97 7.44 0.07
C LYS A 34 16.44 8.86 0.22
N GLN A 35 17.10 9.69 1.05
CA GLN A 35 16.60 11.03 1.28
C GLN A 35 16.86 11.97 0.11
N VAL A 36 17.82 11.64 -0.76
CA VAL A 36 17.98 12.46 -1.96
C VAL A 36 17.09 11.95 -3.11
N TYR A 37 16.77 10.65 -3.12
CA TYR A 37 15.91 10.11 -4.15
C TYR A 37 14.45 10.44 -3.91
N ARG A 38 14.02 10.45 -2.64
CA ARG A 38 12.63 10.75 -2.32
C ARG A 38 12.28 12.20 -2.60
N ALA A 39 13.24 13.12 -2.43
CA ALA A 39 12.97 14.53 -2.68
C ALA A 39 12.81 14.82 -4.16
N THR A 40 13.52 14.09 -5.02
CA THR A 40 13.43 14.33 -6.46
C THR A 40 12.08 13.90 -7.00
N HIS A 41 11.59 14.65 -7.99
CA HIS A 41 10.33 14.34 -8.66
C HIS A 41 10.64 13.85 -10.07
N ARG A 42 10.02 12.73 -10.44
CA ARG A 42 10.24 12.11 -11.74
C ARG A 42 9.02 12.32 -12.62
N LEU A 43 9.26 12.82 -13.83
CA LEU A 43 8.21 13.05 -14.82
C LEU A 43 8.50 12.22 -16.07
N LEU A 44 7.69 12.43 -17.10
CA LEU A 44 7.86 11.71 -18.36
C LEU A 44 7.32 12.58 -19.49
N LEU A 45 8.20 13.06 -20.36
CA LEU A 45 7.81 13.88 -21.51
C LEU A 45 7.51 12.95 -22.68
N LEU A 46 6.24 12.59 -22.82
CA LEU A 46 5.79 11.69 -23.88
C LEU A 46 5.00 12.48 -24.91
N GLY A 47 5.32 12.29 -26.18
CA GLY A 47 4.64 12.99 -27.25
C GLY A 47 5.58 13.69 -28.21
N ALA A 48 5.47 15.00 -28.32
CA ALA A 48 6.32 15.77 -29.22
C ALA A 48 7.23 16.72 -28.42
N ILE A 207 19.56 16.09 -23.63
CA ILE A 207 18.92 15.40 -24.74
C ILE A 207 18.26 14.12 -24.26
N PHE A 208 18.68 13.65 -23.08
CA PHE A 208 18.12 12.43 -22.50
C PHE A 208 17.62 12.68 -21.09
N GLU A 209 18.24 13.64 -20.39
CA GLU A 209 17.85 13.95 -19.03
C GLU A 209 18.08 15.44 -18.78
N THR A 210 17.16 16.06 -18.05
CA THR A 210 17.24 17.47 -17.71
C THR A 210 17.07 17.64 -16.21
N LYS A 211 18.00 18.35 -15.58
CA LYS A 211 17.97 18.61 -14.15
C LYS A 211 17.80 20.10 -13.91
N PHE A 212 16.79 20.45 -13.11
CA PHE A 212 16.54 21.84 -12.76
C PHE A 212 15.84 21.91 -11.42
N GLN A 213 15.95 23.06 -10.77
CA GLN A 213 15.34 23.29 -9.47
C GLN A 213 14.50 24.55 -9.53
N VAL A 214 13.22 24.43 -9.16
CA VAL A 214 12.30 25.56 -9.13
C VAL A 214 11.66 25.60 -7.75
N ASP A 215 11.86 26.70 -7.03
CA ASP A 215 11.34 26.91 -5.67
C ASP A 215 11.81 25.76 -4.76
N LYS A 216 13.13 25.64 -4.64
CA LYS A 216 13.87 24.63 -3.88
C LYS A 216 13.25 23.23 -3.95
N VAL A 217 12.82 22.83 -5.15
CA VAL A 217 12.22 21.53 -5.38
C VAL A 217 13.05 20.80 -6.43
N ASN A 218 13.47 19.59 -6.11
CA ASN A 218 14.29 18.80 -7.03
C ASN A 218 13.39 18.16 -8.09
N PHE A 219 13.58 18.55 -9.35
CA PHE A 219 12.85 18.00 -10.47
C PHE A 219 13.83 17.26 -11.37
N HIS A 220 13.50 16.03 -11.72
CA HIS A 220 14.37 15.16 -12.51
C HIS A 220 13.60 14.72 -13.75
N MET A 221 13.74 15.48 -14.82
CA MET A 221 12.99 15.22 -16.05
C MET A 221 13.48 13.95 -16.74
N PHE A 222 12.56 13.26 -17.42
CA PHE A 222 12.85 12.05 -18.18
C PHE A 222 12.23 12.19 -19.57
N ASP A 223 13.01 12.69 -20.52
CA ASP A 223 12.59 12.79 -21.91
C ASP A 223 13.46 11.86 -22.75
N VAL A 224 12.80 10.96 -23.49
CA VAL A 224 13.49 9.94 -24.28
C VAL A 224 13.00 10.02 -25.72
N GLY A 225 13.93 9.94 -26.66
CA GLY A 225 13.61 9.92 -28.07
C GLY A 225 14.51 9.02 -28.88
N ALA A 226 15.43 8.33 -28.20
CA ALA A 226 16.45 7.54 -28.89
C ALA A 226 15.85 6.29 -29.53
N GLN A 227 14.99 5.58 -28.79
CA GLN A 227 14.42 4.34 -29.29
C GLN A 227 13.26 4.64 -30.25
N ARG A 228 12.67 3.58 -30.79
CA ARG A 228 11.57 3.71 -31.72
C ARG A 228 10.30 4.12 -30.98
N ASP A 229 9.29 4.50 -31.76
CA ASP A 229 8.00 4.92 -31.20
C ASP A 229 7.10 3.72 -30.93
N GLU A 230 7.61 2.82 -30.08
CA GLU A 230 6.91 1.61 -29.67
C GLU A 230 6.98 1.54 -28.14
N ARG A 231 6.01 2.16 -27.48
CA ARG A 231 5.96 2.22 -26.02
C ARG A 231 5.03 1.15 -25.44
N ARG A 232 4.92 0.00 -26.09
CA ARG A 232 4.08 -1.07 -25.57
C ARG A 232 4.71 -1.81 -24.40
N LYS A 233 6.04 -1.96 -24.41
CA LYS A 233 6.73 -2.78 -23.42
C LYS A 233 7.44 -1.97 -22.36
N TRP A 234 8.18 -0.93 -22.75
CA TRP A 234 9.02 -0.18 -21.82
C TRP A 234 8.26 0.90 -21.06
N ILE A 235 6.97 1.09 -21.34
CA ILE A 235 6.19 2.08 -20.60
C ILE A 235 5.80 1.60 -19.20
N GLN A 236 5.96 0.30 -18.92
CA GLN A 236 5.61 -0.22 -17.60
C GLN A 236 6.63 0.18 -16.54
N CYS A 237 7.82 0.62 -16.94
CA CYS A 237 8.82 1.05 -15.97
C CYS A 237 8.44 2.37 -15.31
N PHE A 238 7.71 3.23 -16.03
CA PHE A 238 7.33 4.54 -15.51
C PHE A 238 6.06 4.40 -14.66
N ASN A 239 6.23 3.72 -13.53
CA ASN A 239 5.15 3.53 -12.57
C ASN A 239 5.34 4.30 -11.28
N ASP A 240 6.57 4.60 -10.89
CA ASP A 240 6.86 5.37 -9.69
C ASP A 240 6.96 6.87 -9.96
N VAL A 241 6.75 7.30 -11.21
CA VAL A 241 6.82 8.72 -11.54
C VAL A 241 5.61 9.44 -10.95
N THR A 242 5.81 10.72 -10.62
CA THR A 242 4.74 11.52 -10.04
C THR A 242 3.65 11.79 -11.08
N ALA A 243 4.04 12.22 -12.27
CA ALA A 243 3.08 12.55 -13.31
C ALA A 243 3.75 12.38 -14.67
N ILE A 244 2.91 12.31 -15.70
CA ILE A 244 3.37 12.18 -17.08
C ILE A 244 2.90 13.40 -17.86
N ILE A 245 3.85 14.08 -18.51
CA ILE A 245 3.55 15.27 -19.28
C ILE A 245 3.24 14.86 -20.71
N PHE A 246 2.07 15.27 -21.19
CA PHE A 246 1.60 14.92 -22.54
C PHE A 246 1.67 16.16 -23.43
N VAL A 247 2.21 15.98 -24.63
CA VAL A 247 2.35 17.06 -25.60
C VAL A 247 1.55 16.69 -26.83
N VAL A 248 0.62 17.56 -27.26
CA VAL A 248 -0.19 17.29 -28.46
C VAL A 248 0.33 17.96 -29.74
N ALA A 249 0.92 19.16 -29.64
CA ALA A 249 1.52 19.85 -30.80
C ALA A 249 0.57 19.85 -32.00
N SER A 250 -0.72 20.08 -31.75
CA SER A 250 -1.70 20.10 -32.82
C SER A 250 -1.48 21.29 -33.74
N SER A 251 -1.13 22.45 -33.18
CA SER A 251 -0.87 23.69 -33.92
C SER A 251 -2.05 24.09 -34.81
N ASN A 264 -6.41 11.85 -38.04
CA ASN A 264 -5.04 11.85 -38.57
C ASN A 264 -4.03 11.92 -37.44
N ARG A 265 -3.38 13.07 -37.29
CA ARG A 265 -2.40 13.24 -36.22
C ARG A 265 -3.06 13.23 -34.86
N LEU A 266 -4.24 13.85 -34.73
CA LEU A 266 -4.93 13.88 -33.44
C LEU A 266 -5.49 12.52 -33.07
N GLN A 267 -5.82 11.69 -34.07
CA GLN A 267 -6.34 10.35 -33.78
C GLN A 267 -5.30 9.48 -33.09
N ALA A 268 -4.04 9.57 -33.53
CA ALA A 268 -2.98 8.81 -32.88
C ALA A 268 -2.76 9.26 -31.44
N ALA A 269 -2.82 10.58 -31.20
CA ALA A 269 -2.67 11.10 -29.85
C ALA A 269 -3.83 10.66 -28.97
N LEU A 270 -5.06 10.66 -29.51
CA LEU A 270 -6.21 10.18 -28.76
C LEU A 270 -6.10 8.70 -28.41
N LYS A 271 -5.62 7.90 -29.37
CA LYS A 271 -5.43 6.48 -29.11
C LYS A 271 -4.35 6.24 -28.05
N LEU A 272 -3.26 7.01 -28.11
CA LEU A 272 -2.22 6.90 -27.10
C LEU A 272 -2.73 7.29 -25.72
N PHE A 273 -3.52 8.36 -25.65
CA PHE A 273 -4.10 8.77 -24.37
C PHE A 273 -5.06 7.71 -23.84
N ASP A 274 -5.87 7.11 -24.71
CA ASP A 274 -6.78 6.06 -24.27
C ASP A 274 -6.02 4.84 -23.78
N SER A 275 -4.94 4.47 -24.47
CA SER A 275 -4.12 3.34 -24.03
C SER A 275 -3.45 3.62 -22.70
N ILE A 276 -2.98 4.85 -22.50
CA ILE A 276 -2.36 5.21 -21.22
C ILE A 276 -3.38 5.18 -20.10
N TRP A 277 -4.58 5.73 -20.34
CA TRP A 277 -5.61 5.76 -19.30
C TRP A 277 -6.12 4.37 -18.96
N ASN A 278 -6.26 3.50 -19.96
CA ASN A 278 -6.77 2.16 -19.75
C ASN A 278 -5.70 1.15 -19.37
N ASN A 279 -4.44 1.56 -19.28
CA ASN A 279 -3.38 0.65 -18.88
C ASN A 279 -3.49 0.32 -17.39
N LYS A 280 -3.36 -0.96 -17.06
CA LYS A 280 -3.46 -1.38 -15.67
C LYS A 280 -2.26 -0.93 -14.85
N TRP A 281 -1.07 -0.89 -15.46
CA TRP A 281 0.11 -0.44 -14.74
C TRP A 281 0.15 1.07 -14.57
N LEU A 282 -0.44 1.82 -15.51
CA LEU A 282 -0.46 3.27 -15.47
C LEU A 282 -1.74 3.83 -14.88
N ARG A 283 -2.58 2.98 -14.28
CA ARG A 283 -3.85 3.44 -13.72
C ARG A 283 -3.66 4.28 -12.47
N ASP A 284 -2.50 4.20 -11.81
CA ASP A 284 -2.23 4.96 -10.60
C ASP A 284 -1.37 6.20 -10.87
N THR A 285 -1.10 6.52 -12.13
CA THR A 285 -0.27 7.65 -12.50
C THR A 285 -1.12 8.69 -13.22
N SER A 286 -1.08 9.92 -12.72
CA SER A 286 -1.80 11.01 -13.36
C SER A 286 -1.02 11.53 -14.57
N VAL A 287 -1.75 12.11 -15.51
CA VAL A 287 -1.18 12.61 -16.76
C VAL A 287 -1.42 14.11 -16.84
N ILE A 288 -0.35 14.87 -17.11
CA ILE A 288 -0.42 16.31 -17.31
C ILE A 288 -0.54 16.57 -18.80
N LEU A 289 -1.52 17.38 -19.19
CA LEU A 289 -1.86 17.60 -20.59
C LEU A 289 -1.47 19.02 -21.01
N PHE A 290 -0.83 19.11 -22.18
CA PHE A 290 -0.50 20.39 -22.81
C PHE A 290 -1.15 20.41 -24.19
N LEU A 291 -2.17 21.27 -24.36
CA LEU A 291 -2.98 21.30 -25.56
C LEU A 291 -2.46 22.28 -26.60
N ASN A 292 -1.16 22.57 -26.60
CA ASN A 292 -0.56 23.47 -27.58
C ASN A 292 0.78 22.90 -28.03
N LYS A 293 1.44 23.63 -28.92
CA LYS A 293 2.73 23.21 -29.43
C LYS A 293 3.82 23.33 -28.36
N GLN A 294 4.89 22.57 -28.54
CA GLN A 294 5.99 22.54 -27.59
C GLN A 294 7.21 23.32 -28.06
N ASP A 295 7.24 23.79 -29.30
CA ASP A 295 8.38 24.53 -29.82
C ASP A 295 8.30 26.02 -29.53
N LEU A 296 7.21 26.48 -28.91
CA LEU A 296 7.00 27.89 -28.54
C LEU A 296 7.09 28.79 -29.78
N LEU A 297 6.18 28.56 -30.72
CA LEU A 297 6.11 29.30 -31.97
C LEU A 297 4.81 30.09 -32.02
N ALA A 298 4.90 31.37 -32.32
CA ALA A 298 3.73 32.24 -32.40
C ALA A 298 3.13 32.22 -33.80
N SER A 306 -5.98 24.66 -40.47
CA SER A 306 -7.08 25.04 -39.59
C SER A 306 -8.38 24.36 -40.02
N LYS A 307 -8.31 23.06 -40.28
CA LYS A 307 -9.47 22.26 -40.70
C LYS A 307 -9.90 21.40 -39.52
N ILE A 308 -11.06 21.73 -38.95
CA ILE A 308 -11.59 21.01 -37.80
C ILE A 308 -12.90 20.30 -38.14
N GLU A 309 -13.77 20.94 -38.92
CA GLU A 309 -15.08 20.35 -39.23
C GLU A 309 -14.96 19.14 -40.14
N ASP A 310 -13.90 19.07 -40.95
CA ASP A 310 -13.74 17.91 -41.83
C ASP A 310 -13.33 16.67 -41.06
N TYR A 311 -12.54 16.84 -40.00
CA TYR A 311 -12.04 15.71 -39.21
C TYR A 311 -12.92 15.38 -38.02
N PHE A 312 -14.06 16.05 -37.86
CA PHE A 312 -14.97 15.78 -36.75
C PHE A 312 -16.41 15.99 -37.21
N PRO A 313 -17.25 14.96 -37.13
CA PRO A 313 -18.61 15.09 -37.67
C PRO A 313 -19.46 16.14 -36.97
N GLU A 314 -19.31 16.33 -35.66
CA GLU A 314 -20.06 17.36 -34.93
C GLU A 314 -19.07 18.45 -34.55
N PHE A 315 -19.25 19.62 -35.14
CA PHE A 315 -18.50 20.82 -34.75
C PHE A 315 -19.45 21.98 -34.55
N ALA A 316 -20.50 22.04 -35.38
CA ALA A 316 -21.43 23.17 -35.33
C ALA A 316 -22.38 23.06 -34.14
N ARG A 317 -22.77 21.83 -33.78
CA ARG A 317 -23.69 21.62 -32.66
C ARG A 317 -22.91 21.49 -31.35
N TYR A 318 -22.11 22.52 -31.09
CA TYR A 318 -21.27 22.59 -29.90
C TYR A 318 -21.42 23.96 -29.26
N THR A 319 -21.38 24.00 -27.94
CA THR A 319 -21.49 25.24 -27.19
C THR A 319 -20.24 25.42 -26.34
N THR A 320 -19.70 26.64 -26.32
CA THR A 320 -18.50 26.92 -25.56
C THR A 320 -18.80 26.85 -24.06
N PRO A 321 -17.84 26.38 -23.26
CA PRO A 321 -18.04 26.35 -21.81
C PRO A 321 -18.03 27.75 -21.21
N GLU A 322 -18.61 27.85 -20.02
CA GLU A 322 -18.67 29.12 -19.31
C GLU A 322 -17.40 29.37 -18.51
N ASP A 323 -16.25 29.27 -19.17
CA ASP A 323 -14.96 29.48 -18.55
C ASP A 323 -14.51 30.93 -18.75
N ALA A 324 -13.27 31.22 -18.37
CA ALA A 324 -12.74 32.57 -18.49
C ALA A 324 -12.46 32.90 -19.96
N THR A 325 -12.90 34.08 -20.39
CA THR A 325 -12.67 34.52 -21.75
C THR A 325 -11.19 34.88 -21.93
N PRO A 326 -10.66 34.74 -23.15
CA PRO A 326 -9.28 35.16 -23.40
C PRO A 326 -9.10 36.66 -23.22
N GLU A 327 -7.92 37.05 -22.75
CA GLU A 327 -7.64 38.46 -22.49
C GLU A 327 -7.71 39.33 -23.74
N PRO A 328 -7.11 38.99 -24.89
CA PRO A 328 -7.33 39.82 -26.09
C PRO A 328 -8.78 39.89 -26.53
N GLY A 329 -9.52 38.79 -26.40
CA GLY A 329 -10.92 38.76 -26.80
C GLY A 329 -11.15 39.01 -28.27
N GLU A 330 -10.28 38.45 -29.12
CA GLU A 330 -10.37 38.63 -30.57
C GLU A 330 -10.49 37.28 -31.24
N ASP A 331 -11.46 37.17 -32.16
CA ASP A 331 -11.75 35.97 -32.94
C ASP A 331 -11.95 34.74 -32.06
N PRO A 332 -13.07 34.63 -31.35
CA PRO A 332 -13.30 33.46 -30.50
C PRO A 332 -13.61 32.18 -31.25
N ARG A 333 -13.68 32.22 -32.59
CA ARG A 333 -14.00 31.02 -33.36
C ARG A 333 -12.89 29.97 -33.26
N VAL A 334 -11.64 30.41 -33.24
CA VAL A 334 -10.53 29.46 -33.17
C VAL A 334 -10.49 28.77 -31.81
N THR A 335 -10.95 29.44 -30.76
CA THR A 335 -10.96 28.83 -29.43
C THR A 335 -12.01 27.73 -29.31
N ARG A 336 -12.99 27.69 -30.22
CA ARG A 336 -14.00 26.64 -30.16
C ARG A 336 -13.39 25.26 -30.37
N ALA A 337 -12.44 25.14 -31.29
CA ALA A 337 -11.79 23.86 -31.54
C ALA A 337 -10.99 23.39 -30.32
N LYS A 338 -10.25 24.30 -29.69
CA LYS A 338 -9.46 23.91 -28.52
C LYS A 338 -10.35 23.59 -27.34
N TYR A 339 -11.48 24.30 -27.19
CA TYR A 339 -12.45 23.96 -26.15
C TYR A 339 -13.05 22.58 -26.40
N PHE A 340 -13.37 22.27 -27.67
CA PHE A 340 -13.95 20.98 -28.00
C PHE A 340 -12.96 19.84 -27.73
N ILE A 341 -11.69 20.01 -28.11
CA ILE A 341 -10.73 18.95 -27.87
C ILE A 341 -10.41 18.82 -26.38
N ARG A 342 -10.42 19.93 -25.63
CA ARG A 342 -10.26 19.84 -24.18
C ARG A 342 -11.42 19.10 -23.54
N ASP A 343 -12.65 19.37 -24.00
CA ASP A 343 -13.81 18.65 -23.48
C ASP A 343 -13.75 17.16 -23.82
N GLU A 344 -13.30 16.83 -25.03
CA GLU A 344 -13.15 15.43 -25.40
C GLU A 344 -12.10 14.73 -24.55
N PHE A 345 -10.97 15.39 -24.31
CA PHE A 345 -9.93 14.82 -23.46
C PHE A 345 -10.44 14.64 -22.03
N LEU A 346 -11.19 15.62 -21.52
CA LEU A 346 -11.76 15.50 -20.17
C LEU A 346 -12.75 14.35 -20.08
N ARG A 347 -13.57 14.17 -21.13
CA ARG A 347 -14.51 13.06 -21.14
C ARG A 347 -13.80 11.71 -21.16
N ILE A 348 -12.74 11.60 -21.98
CA ILE A 348 -11.97 10.35 -22.02
C ILE A 348 -11.30 10.10 -20.67
N SER A 349 -10.79 11.15 -20.04
CA SER A 349 -10.15 10.99 -18.73
C SER A 349 -11.15 10.56 -17.67
N THR A 350 -12.34 11.17 -17.67
CA THR A 350 -13.36 10.85 -16.67
C THR A 350 -14.08 9.54 -16.96
N ALA A 351 -13.92 8.98 -18.16
CA ALA A 351 -14.51 7.68 -18.44
C ALA A 351 -13.92 6.59 -17.55
N SER A 352 -12.61 6.64 -17.29
CA SER A 352 -11.92 5.67 -16.46
C SER A 352 -10.99 6.36 -15.48
N GLY A 353 -11.43 7.47 -14.90
CA GLY A 353 -10.63 8.21 -13.95
C GLY A 353 -11.27 8.31 -12.58
N ASP A 354 -11.85 7.20 -12.11
CA ASP A 354 -12.62 7.19 -10.85
C ASP A 354 -11.66 7.19 -9.67
N GLY A 355 -11.07 8.36 -9.41
CA GLY A 355 -10.27 8.57 -8.21
C GLY A 355 -8.84 8.10 -8.28
N ARG A 356 -8.55 7.09 -9.10
CA ARG A 356 -7.21 6.55 -9.19
C ARG A 356 -6.22 7.56 -9.75
N HIS A 357 -6.62 8.29 -10.79
CA HIS A 357 -5.77 9.30 -11.40
C HIS A 357 -6.64 10.34 -12.07
N TYR A 358 -6.07 11.52 -12.29
CA TYR A 358 -6.81 12.66 -12.79
C TYR A 358 -6.05 13.32 -13.94
N CYS A 359 -6.75 14.20 -14.65
CA CYS A 359 -6.20 14.93 -15.78
C CYS A 359 -6.13 16.41 -15.47
N TYR A 360 -5.08 17.06 -15.95
CA TYR A 360 -4.86 18.50 -15.73
C TYR A 360 -4.56 19.16 -17.08
N PRO A 361 -5.60 19.46 -17.86
CA PRO A 361 -5.39 20.14 -19.14
C PRO A 361 -4.89 21.56 -18.95
N HIS A 362 -4.11 22.02 -19.92
CA HIS A 362 -3.53 23.35 -19.87
C HIS A 362 -3.36 23.88 -21.30
N PHE A 363 -3.25 25.20 -21.40
CA PHE A 363 -3.04 25.89 -22.67
C PHE A 363 -1.79 26.75 -22.54
N THR A 364 -0.66 26.23 -23.02
CA THR A 364 0.61 26.93 -22.91
C THR A 364 0.77 27.89 -24.09
N CYS A 365 1.98 28.45 -24.24
CA CYS A 365 2.39 29.37 -25.30
C CYS A 365 1.64 30.71 -25.25
N ALA A 366 0.86 30.96 -24.22
CA ALA A 366 0.20 32.26 -24.08
C ALA A 366 1.17 33.34 -23.60
N VAL A 367 2.10 32.98 -22.71
CA VAL A 367 3.06 33.93 -22.16
C VAL A 367 4.46 33.53 -22.59
N ASP A 368 4.65 32.23 -22.87
CA ASP A 368 5.92 31.62 -23.26
C ASP A 368 6.99 31.77 -22.18
N THR A 369 6.59 32.03 -20.95
CA THR A 369 7.50 32.12 -19.81
C THR A 369 7.06 31.25 -18.64
N GLU A 370 5.76 31.14 -18.40
CA GLU A 370 5.23 30.35 -17.28
C GLU A 370 4.81 28.97 -17.78
N ASN A 371 5.82 28.13 -17.97
CA ASN A 371 5.62 26.77 -18.46
C ASN A 371 6.04 25.71 -17.44
N ILE A 372 6.60 26.11 -16.31
CA ILE A 372 7.09 25.16 -15.32
C ILE A 372 6.27 25.32 -14.05
N ARG A 373 5.74 26.53 -13.83
CA ARG A 373 4.93 26.78 -12.64
C ARG A 373 3.64 25.97 -12.66
N ARG A 374 3.02 25.84 -13.83
CA ARG A 374 1.81 25.03 -13.94
C ARG A 374 2.10 23.56 -13.67
N VAL A 375 3.25 23.06 -14.17
CA VAL A 375 3.63 21.68 -13.91
C VAL A 375 3.89 21.47 -12.42
N PHE A 376 4.55 22.42 -11.77
CA PHE A 376 4.79 22.33 -10.33
C PHE A 376 3.49 22.33 -9.54
N ASN A 377 2.54 23.20 -9.93
CA ASN A 377 1.25 23.24 -9.26
C ASN A 377 0.47 21.94 -9.45
N ASP A 378 0.52 21.38 -10.66
CA ASP A 378 -0.15 20.10 -10.91
C ASP A 378 0.49 18.98 -10.09
N CYS A 379 1.82 18.98 -9.99
CA CYS A 379 2.49 17.96 -9.18
C CYS A 379 2.13 18.12 -7.70
N ARG A 380 2.06 19.35 -7.21
CA ARG A 380 1.66 19.58 -5.83
C ARG A 380 0.24 19.11 -5.58
N ASP A 381 -0.67 19.37 -6.52
CA ASP A 381 -2.05 18.92 -6.38
C ASP A 381 -2.12 17.40 -6.40
N ILE A 382 -1.33 16.75 -7.27
CA ILE A 382 -1.30 15.29 -7.34
C ILE A 382 -0.80 14.70 -6.02
N ILE A 383 0.26 15.28 -5.46
CA ILE A 383 0.80 14.79 -4.19
C ILE A 383 -0.21 14.99 -3.07
N GLN A 384 -0.90 16.13 -3.05
CA GLN A 384 -1.90 16.39 -2.02
C GLN A 384 -3.06 15.41 -2.13
N ARG A 385 -3.51 15.12 -3.36
CA ARG A 385 -4.61 14.17 -3.55
C ARG A 385 -4.18 12.76 -3.16
N MET A 386 -2.92 12.40 -3.45
CA MET A 386 -2.42 11.09 -3.05
C MET A 386 -2.34 10.98 -1.53
N HIS A 387 -1.91 12.05 -0.86
CA HIS A 387 -1.88 12.04 0.60
C HIS A 387 -3.29 11.96 1.18
N LEU A 388 -4.24 12.63 0.55
CA LEU A 388 -5.64 12.52 0.99
C LEU A 388 -6.15 11.10 0.81
N ARG A 389 -5.78 10.45 -0.30
CA ARG A 389 -6.20 9.08 -0.54
C ARG A 389 -5.60 8.12 0.48
N GLN A 390 -4.34 8.37 0.89
CA GLN A 390 -3.74 7.55 1.94
C GLN A 390 -4.45 7.72 3.27
N TYR A 391 -5.06 8.88 3.50
CA TYR A 391 -5.80 9.14 4.73
C TYR A 391 -7.30 8.91 4.58
N GLU A 392 -7.74 8.43 3.41
CA GLU A 392 -9.16 8.22 3.09
C GLU A 392 -10.01 9.44 3.43
N LEU A 393 -9.51 10.61 3.03
CA LEU A 393 -10.22 11.87 3.23
C LEU A 393 -10.75 12.46 1.92
N LEU A 394 -10.61 11.74 0.81
CA LEU A 394 -11.07 12.25 -0.48
C LEU A 394 -11.96 11.23 -1.19
N GLU B 8 5.23 -9.45 -58.59
CA GLU B 8 6.16 -10.51 -58.21
C GLU B 8 6.34 -10.60 -56.69
N LEU B 9 5.25 -10.38 -55.96
CA LEU B 9 5.29 -10.42 -54.51
C LEU B 9 4.23 -11.39 -53.98
N ASP B 10 3.09 -11.46 -54.66
CA ASP B 10 2.02 -12.36 -54.23
C ASP B 10 2.43 -13.82 -54.39
N GLN B 11 3.16 -14.14 -55.45
CA GLN B 11 3.60 -15.53 -55.68
C GLN B 11 4.58 -15.98 -54.60
N LEU B 12 5.46 -15.08 -54.15
CA LEU B 12 6.39 -15.43 -53.08
C LEU B 12 5.65 -15.71 -51.78
N ARG B 13 4.65 -14.88 -51.46
CA ARG B 13 3.85 -15.11 -50.26
C ARG B 13 3.06 -16.41 -50.36
N GLN B 14 2.52 -16.71 -51.54
CA GLN B 14 1.79 -17.96 -51.72
C GLN B 14 2.71 -19.17 -51.57
N GLU B 15 3.93 -19.08 -52.11
CA GLU B 15 4.89 -20.17 -51.96
C GLU B 15 5.30 -20.34 -50.49
N ALA B 16 5.50 -19.23 -49.78
CA ALA B 16 5.84 -19.31 -48.36
C ALA B 16 4.70 -19.93 -47.56
N GLU B 17 3.45 -19.56 -47.87
CA GLU B 17 2.31 -20.15 -47.18
C GLU B 17 2.19 -21.64 -47.48
N GLN B 18 2.42 -22.04 -48.72
CA GLN B 18 2.38 -23.46 -49.08
C GLN B 18 3.47 -24.23 -48.36
N LEU B 19 4.68 -23.67 -48.28
CA LEU B 19 5.76 -24.33 -47.55
C LEU B 19 5.45 -24.44 -46.07
N LYS B 20 4.86 -23.39 -45.49
CA LYS B 20 4.48 -23.44 -44.08
C LYS B 20 3.41 -24.49 -43.83
N ASN B 21 2.43 -24.60 -44.73
CA ASN B 21 1.41 -25.63 -44.59
C ASN B 21 2.00 -27.03 -44.73
N GLN B 22 2.95 -27.20 -45.65
CA GLN B 22 3.61 -28.49 -45.81
C GLN B 22 4.39 -28.87 -44.56
N ILE B 23 5.11 -27.91 -43.98
CA ILE B 23 5.84 -28.18 -42.74
C ILE B 23 4.88 -28.49 -41.60
N ARG B 24 3.74 -27.79 -41.56
CA ARG B 24 2.76 -28.04 -40.51
C ARG B 24 2.17 -29.45 -40.61
N ASP B 25 1.80 -29.89 -41.81
CA ASP B 25 1.25 -31.23 -41.94
C ASP B 25 2.32 -32.30 -41.73
N ALA B 26 3.58 -32.00 -42.09
CA ALA B 26 4.66 -32.92 -41.77
C ALA B 26 4.85 -33.06 -40.27
N ARG B 27 4.76 -31.95 -39.54
CA ARG B 27 4.83 -32.00 -38.07
C ARG B 27 3.66 -32.78 -37.50
N LYS B 28 2.46 -32.58 -38.05
CA LYS B 28 1.28 -33.29 -37.56
C LYS B 28 1.40 -34.79 -37.80
N ALA B 29 1.91 -35.19 -38.96
CA ALA B 29 2.10 -36.60 -39.26
C ALA B 29 3.20 -37.21 -38.40
N CYS B 30 4.27 -36.46 -38.17
CA CYS B 30 5.37 -36.97 -37.35
C CYS B 30 4.95 -37.15 -35.89
N ALA B 31 4.15 -36.22 -35.36
CA ALA B 31 3.69 -36.29 -33.97
C ALA B 31 2.45 -37.18 -33.88
N ASP B 32 2.70 -38.48 -33.99
CA ASP B 32 1.63 -39.47 -33.90
C ASP B 32 1.28 -39.84 -32.47
N ALA B 33 2.09 -39.44 -31.49
CA ALA B 33 1.83 -39.76 -30.10
C ALA B 33 2.06 -38.50 -29.25
N THR B 34 1.40 -38.46 -28.09
CA THR B 34 1.50 -37.35 -27.18
C THR B 34 2.19 -37.78 -25.88
N LEU B 35 2.69 -36.79 -25.15
CA LEU B 35 3.40 -37.06 -23.89
C LEU B 35 2.44 -37.44 -22.77
N SER B 36 1.15 -37.12 -22.90
CA SER B 36 0.19 -37.42 -21.84
C SER B 36 0.03 -38.92 -21.63
N GLN B 37 -0.01 -39.69 -22.72
CA GLN B 37 -0.18 -41.14 -22.63
C GLN B 37 1.07 -41.86 -22.14
N ILE B 38 2.21 -41.16 -22.08
CA ILE B 38 3.44 -41.79 -21.61
C ILE B 38 3.64 -41.59 -20.12
N THR B 39 3.22 -40.44 -19.58
CA THR B 39 3.41 -40.11 -18.17
C THR B 39 2.22 -40.52 -17.31
N ASN B 40 1.46 -41.52 -17.73
CA ASN B 40 0.28 -41.94 -16.98
C ASN B 40 0.64 -42.74 -15.73
N ASN B 41 1.81 -43.39 -15.71
CA ASN B 41 2.20 -44.25 -14.60
C ASN B 41 3.09 -43.56 -13.58
N ILE B 42 3.33 -42.26 -13.71
CA ILE B 42 4.24 -41.56 -12.81
C ILE B 42 3.47 -41.08 -11.59
N ASP B 43 4.00 -41.39 -10.41
CA ASP B 43 3.39 -40.92 -9.17
C ASP B 43 3.54 -39.40 -9.08
N PRO B 44 2.46 -38.66 -8.81
CA PRO B 44 2.58 -37.21 -8.66
C PRO B 44 3.42 -36.83 -7.44
N VAL B 45 4.07 -35.67 -7.53
CA VAL B 45 4.95 -35.22 -6.47
C VAL B 45 4.17 -34.80 -5.23
N GLY B 46 2.88 -34.52 -5.36
CA GLY B 46 2.06 -34.12 -4.22
C GLY B 46 2.24 -32.65 -3.88
N ARG B 47 1.54 -32.24 -2.82
CA ARG B 47 1.61 -30.87 -2.36
C ARG B 47 2.99 -30.58 -1.75
N ILE B 48 3.52 -29.39 -2.06
CA ILE B 48 4.82 -28.96 -1.57
C ILE B 48 4.62 -27.66 -0.80
N GLN B 49 5.14 -27.63 0.42
CA GLN B 49 5.03 -26.45 1.29
C GLN B 49 6.26 -25.57 1.12
N MET B 50 6.03 -24.28 0.88
CA MET B 50 7.10 -23.31 0.66
C MET B 50 7.03 -22.26 1.75
N ARG B 51 8.18 -21.94 2.34
CA ARG B 51 8.28 -20.95 3.40
C ARG B 51 9.48 -20.05 3.13
N THR B 52 9.41 -18.82 3.64
CA THR B 52 10.48 -17.84 3.48
C THR B 52 11.46 -18.00 4.64
N ARG B 53 12.69 -18.43 4.33
CA ARG B 53 13.70 -18.58 5.37
C ARG B 53 14.11 -17.23 5.95
N ARG B 54 14.27 -16.22 5.09
CA ARG B 54 14.62 -14.88 5.54
C ARG B 54 14.10 -13.87 4.54
N THR B 55 13.96 -12.63 4.99
CA THR B 55 13.51 -11.52 4.17
C THR B 55 14.63 -10.50 4.04
N LEU B 56 14.98 -10.17 2.80
CA LEU B 56 16.03 -9.21 2.51
C LEU B 56 15.40 -7.87 2.14
N ARG B 57 15.79 -6.81 2.83
CA ARG B 57 15.25 -5.48 2.61
C ARG B 57 16.39 -4.47 2.58
N GLY B 58 16.12 -3.34 1.93
CA GLY B 58 17.10 -2.29 1.78
C GLY B 58 17.04 -1.60 0.44
N HIS B 59 16.25 -2.13 -0.48
CA HIS B 59 16.09 -1.53 -1.79
C HIS B 59 15.11 -0.36 -1.71
N LEU B 60 14.94 0.33 -2.84
CA LEU B 60 14.14 1.55 -2.86
C LEU B 60 13.07 1.50 -3.94
N ALA B 61 13.33 0.77 -5.03
CA ALA B 61 12.43 0.77 -6.17
C ALA B 61 12.17 -0.63 -6.70
N LYS B 62 11.54 -0.72 -7.86
CA LYS B 62 11.17 -2.02 -8.42
C LYS B 62 12.39 -2.76 -8.93
N ILE B 63 12.30 -4.09 -8.93
CA ILE B 63 13.35 -4.98 -9.42
C ILE B 63 12.79 -5.77 -10.58
N TYR B 64 13.49 -5.76 -11.71
CA TYR B 64 13.03 -6.43 -12.92
C TYR B 64 13.78 -7.70 -13.25
N ALA B 65 15.05 -7.80 -12.85
CA ALA B 65 15.83 -9.00 -13.14
C ALA B 65 16.92 -9.15 -12.08
N MET B 66 17.25 -10.41 -11.77
CA MET B 66 18.33 -10.72 -10.86
C MET B 66 18.98 -12.02 -11.30
N HIS B 67 20.28 -12.15 -11.00
CA HIS B 67 21.07 -13.31 -11.40
C HIS B 67 21.66 -13.96 -10.17
N TRP B 68 21.54 -15.29 -10.09
CA TRP B 68 22.10 -16.03 -8.98
C TRP B 68 23.60 -16.24 -9.16
N GLY B 69 24.28 -16.55 -8.06
CA GLY B 69 25.71 -16.78 -8.11
C GLY B 69 26.07 -18.19 -8.51
N THR B 70 27.32 -18.35 -8.96
CA THR B 70 27.83 -19.67 -9.29
C THR B 70 27.95 -20.55 -8.05
N ASP B 71 28.40 -19.98 -6.94
CA ASP B 71 28.54 -20.70 -5.68
C ASP B 71 27.30 -20.63 -4.79
N SER B 72 26.23 -19.98 -5.26
CA SER B 72 24.95 -19.89 -4.54
C SER B 72 25.12 -19.28 -3.16
N ARG B 73 25.94 -18.23 -3.07
CA ARG B 73 26.15 -17.53 -1.82
C ARG B 73 25.81 -16.06 -1.96
N LEU B 74 26.11 -15.49 -3.13
CA LEU B 74 25.90 -14.07 -3.41
C LEU B 74 25.01 -13.91 -4.63
N LEU B 75 24.05 -12.99 -4.53
CA LEU B 75 23.15 -12.68 -5.63
C LEU B 75 23.11 -11.17 -5.83
N VAL B 76 22.95 -10.77 -7.09
CA VAL B 76 22.92 -9.36 -7.47
C VAL B 76 21.52 -9.01 -7.96
N SER B 77 21.02 -7.85 -7.55
CA SER B 77 19.70 -7.38 -7.94
C SER B 77 19.80 -5.95 -8.44
N ALA B 78 19.00 -5.62 -9.45
CA ALA B 78 18.98 -4.29 -10.06
C ALA B 78 17.68 -3.60 -9.69
N SER B 79 17.79 -2.34 -9.27
CA SER B 79 16.64 -1.54 -8.87
C SER B 79 16.65 -0.22 -9.64
N GLN B 80 15.45 0.35 -9.80
CA GLN B 80 15.31 1.59 -10.54
C GLN B 80 15.85 2.81 -9.80
N ASP B 81 16.21 2.66 -8.52
CA ASP B 81 16.77 3.77 -7.77
C ASP B 81 18.17 4.16 -8.20
N GLY B 82 18.84 3.34 -9.01
CA GLY B 82 20.20 3.62 -9.41
C GLY B 82 21.27 2.96 -8.57
N LYS B 83 20.91 2.01 -7.71
CA LYS B 83 21.86 1.32 -6.85
C LYS B 83 21.84 -0.17 -7.17
N LEU B 84 23.03 -0.75 -7.36
CA LEU B 84 23.19 -2.18 -7.58
C LEU B 84 23.71 -2.80 -6.30
N ILE B 85 22.87 -3.58 -5.62
CA ILE B 85 23.17 -4.15 -4.32
C ILE B 85 23.36 -5.65 -4.47
N ILE B 86 24.48 -6.15 -3.95
CA ILE B 86 24.78 -7.58 -3.94
C ILE B 86 24.41 -8.13 -2.57
N TRP B 87 23.48 -9.09 -2.54
CA TRP B 87 23.00 -9.66 -1.30
C TRP B 87 23.73 -10.96 -0.99
N ASP B 88 23.37 -11.58 0.13
CA ASP B 88 23.94 -12.84 0.57
C ASP B 88 22.83 -13.83 0.86
N SER B 89 23.14 -15.12 0.65
CA SER B 89 22.17 -16.19 0.83
C SER B 89 22.25 -16.85 2.21
N TYR B 90 23.45 -17.14 2.69
CA TYR B 90 23.59 -17.76 4.00
C TYR B 90 23.23 -16.78 5.11
N THR B 91 23.59 -15.51 4.94
CA THR B 91 23.33 -14.48 5.94
C THR B 91 22.43 -13.40 5.35
N THR B 92 22.19 -12.36 6.13
CA THR B 92 21.32 -11.26 5.75
C THR B 92 22.07 -10.00 5.34
N ASN B 93 23.26 -9.79 5.88
CA ASN B 93 24.00 -8.55 5.65
C ASN B 93 24.46 -8.47 4.20
N LYS B 94 24.51 -7.23 3.68
CA LYS B 94 24.95 -6.97 2.33
C LYS B 94 26.47 -6.95 2.25
N VAL B 95 26.98 -6.94 1.02
CA VAL B 95 28.43 -6.96 0.78
C VAL B 95 28.84 -5.70 0.03
N HIS B 96 28.30 -5.51 -1.18
CA HIS B 96 28.69 -4.40 -2.04
C HIS B 96 27.47 -3.63 -2.49
N ALA B 97 27.66 -2.34 -2.76
CA ALA B 97 26.63 -1.46 -3.28
C ALA B 97 27.25 -0.65 -4.42
N ILE B 98 26.81 -0.92 -5.64
CA ILE B 98 27.38 -0.30 -6.84
C ILE B 98 26.44 0.81 -7.29
N PRO B 99 26.87 2.08 -7.26
CA PRO B 99 26.00 3.16 -7.77
C PRO B 99 25.90 3.14 -9.28
N LEU B 100 24.71 2.86 -9.80
CA LEU B 100 24.50 2.75 -11.23
C LEU B 100 24.28 4.13 -11.84
N ARG B 101 24.95 4.39 -12.97
CA ARG B 101 24.79 5.66 -13.66
C ARG B 101 23.40 5.78 -14.26
N SER B 102 22.88 4.71 -14.85
CA SER B 102 21.56 4.73 -15.47
C SER B 102 20.49 4.62 -14.40
N SER B 103 19.45 5.44 -14.52
CA SER B 103 18.35 5.46 -13.55
C SER B 103 17.18 4.58 -13.96
N TRP B 104 17.26 3.89 -15.10
CA TRP B 104 16.20 3.01 -15.57
C TRP B 104 16.77 1.66 -15.97
N VAL B 105 17.61 1.09 -15.11
CA VAL B 105 18.16 -0.23 -15.38
C VAL B 105 17.06 -1.28 -15.25
N MET B 106 17.08 -2.28 -16.13
CA MET B 106 16.07 -3.32 -16.15
C MET B 106 16.63 -4.72 -16.05
N THR B 107 17.95 -4.88 -16.00
CA THR B 107 18.55 -6.21 -15.98
C THR B 107 19.92 -6.14 -15.34
N CYS B 108 20.41 -7.31 -14.92
CA CYS B 108 21.75 -7.44 -14.38
C CYS B 108 22.25 -8.84 -14.67
N ALA B 109 23.58 -8.99 -14.68
CA ALA B 109 24.20 -10.27 -14.98
C ALA B 109 25.33 -10.53 -13.99
N TYR B 110 25.62 -11.81 -13.75
CA TYR B 110 26.69 -12.22 -12.85
C TYR B 110 27.62 -13.15 -13.60
N ALA B 111 28.92 -12.86 -13.55
CA ALA B 111 29.90 -13.66 -14.28
C ALA B 111 30.06 -15.02 -13.63
N PRO B 112 30.35 -16.06 -14.41
CA PRO B 112 30.62 -17.38 -13.82
C PRO B 112 31.81 -17.39 -12.89
N SER B 113 32.84 -16.58 -13.16
CA SER B 113 33.96 -16.44 -12.26
C SER B 113 33.68 -15.48 -11.11
N GLY B 114 32.62 -14.69 -11.20
CA GLY B 114 32.24 -13.77 -10.14
C GLY B 114 33.01 -12.47 -10.12
N ASN B 115 33.90 -12.23 -11.07
CA ASN B 115 34.72 -11.02 -11.09
C ASN B 115 34.11 -9.90 -11.92
N TYR B 116 33.00 -10.15 -12.61
CA TYR B 116 32.39 -9.16 -13.49
C TYR B 116 30.89 -9.10 -13.27
N VAL B 117 30.32 -7.91 -13.45
CA VAL B 117 28.89 -7.69 -13.41
C VAL B 117 28.50 -6.83 -14.61
N ALA B 118 27.22 -6.91 -14.97
CA ALA B 118 26.71 -6.18 -16.12
C ALA B 118 25.37 -5.54 -15.77
N CYS B 119 25.04 -4.49 -16.51
CA CYS B 119 23.77 -3.79 -16.32
C CYS B 119 23.43 -3.05 -17.60
N GLY B 120 22.16 -2.66 -17.73
CA GLY B 120 21.73 -1.91 -18.89
C GLY B 120 20.22 -1.80 -18.91
N GLY B 121 19.75 -1.00 -19.87
CA GLY B 121 18.32 -0.81 -20.04
C GLY B 121 17.91 0.64 -20.16
N LEU B 122 17.19 0.97 -21.24
CA LEU B 122 16.63 2.30 -21.49
C LEU B 122 17.69 3.40 -21.55
N ASP B 123 18.95 3.04 -21.83
CA ASP B 123 20.01 4.03 -21.95
C ASP B 123 20.92 3.74 -23.13
N ASN B 124 20.72 2.63 -23.84
CA ASN B 124 21.53 2.19 -24.97
C ASN B 124 23.00 1.98 -24.58
N ILE B 125 23.28 1.81 -23.29
CA ILE B 125 24.64 1.61 -22.78
C ILE B 125 24.63 0.40 -21.87
N CYS B 126 25.53 -0.55 -22.14
CA CYS B 126 25.68 -1.75 -21.32
C CYS B 126 26.94 -1.57 -20.47
N SER B 127 26.78 -0.97 -19.30
CA SER B 127 27.90 -0.74 -18.42
C SER B 127 28.36 -2.03 -17.77
N ILE B 128 29.68 -2.23 -17.72
CA ILE B 128 30.29 -3.40 -17.14
C ILE B 128 31.23 -2.96 -16.03
N TYR B 129 31.08 -3.55 -14.85
CA TYR B 129 31.91 -3.23 -13.69
C TYR B 129 32.62 -4.48 -13.20
N ASN B 130 33.75 -4.25 -12.53
CA ASN B 130 34.54 -5.34 -11.95
C ASN B 130 34.43 -5.30 -10.42
N LEU B 131 34.42 -6.49 -9.82
CA LEU B 131 34.28 -6.62 -8.38
C LEU B 131 35.60 -6.83 -7.65
N LYS B 132 36.65 -7.25 -8.35
CA LYS B 132 37.95 -7.50 -7.75
C LYS B 132 38.90 -6.35 -8.09
N THR B 133 39.39 -5.67 -7.06
CA THR B 133 40.32 -4.56 -7.25
C THR B 133 41.15 -4.39 -5.98
N ARG B 134 42.28 -3.71 -6.13
CA ARG B 134 43.18 -3.51 -4.99
C ARG B 134 42.64 -2.47 -4.02
N GLU B 135 41.99 -1.42 -4.55
CA GLU B 135 41.49 -0.35 -3.70
C GLU B 135 40.30 -0.79 -2.85
N GLY B 136 39.47 -1.69 -3.38
CA GLY B 136 38.29 -2.16 -2.68
C GLY B 136 36.99 -1.54 -3.14
N ASN B 137 37.05 -0.46 -3.92
CA ASN B 137 35.86 0.19 -4.45
C ASN B 137 35.69 -0.17 -5.93
N VAL B 138 34.45 -0.41 -6.33
CA VAL B 138 34.17 -0.83 -7.70
C VAL B 138 34.40 0.33 -8.66
N ARG B 139 34.84 0.01 -9.86
CA ARG B 139 35.09 0.98 -10.92
C ARG B 139 34.26 0.63 -12.15
N VAL B 140 34.47 1.39 -13.22
CA VAL B 140 33.80 1.17 -14.49
C VAL B 140 34.82 0.65 -15.49
N SER B 141 34.55 -0.52 -16.07
CA SER B 141 35.49 -1.12 -17.02
C SER B 141 35.37 -0.44 -18.38
N ARG B 142 34.20 -0.54 -19.01
CA ARG B 142 33.98 0.08 -20.32
C ARG B 142 32.49 0.24 -20.54
N GLU B 143 32.14 1.11 -21.48
CA GLU B 143 30.76 1.37 -21.85
C GLU B 143 30.59 1.12 -23.35
N LEU B 144 29.53 0.41 -23.70
CA LEU B 144 29.23 0.08 -25.10
C LEU B 144 28.09 0.95 -25.59
N ALA B 145 28.31 1.64 -26.72
CA ALA B 145 27.34 2.55 -27.30
C ALA B 145 27.07 2.19 -28.76
N GLY B 146 26.85 0.90 -29.01
CA GLY B 146 26.58 0.43 -30.35
C GLY B 146 25.22 -0.23 -30.49
N HIS B 147 24.22 0.33 -29.80
CA HIS B 147 22.87 -0.21 -29.81
C HIS B 147 21.89 0.89 -30.17
N THR B 148 20.77 0.49 -30.77
CA THR B 148 19.70 1.41 -31.16
C THR B 148 18.37 0.92 -30.58
N GLY B 149 18.40 0.60 -29.29
CA GLY B 149 17.20 0.14 -28.62
C GLY B 149 17.50 -0.13 -27.15
N TYR B 150 16.43 -0.16 -26.37
CA TYR B 150 16.57 -0.41 -24.94
C TYR B 150 17.00 -1.85 -24.69
N LEU B 151 17.96 -2.02 -23.80
CA LEU B 151 18.48 -3.35 -23.48
C LEU B 151 17.46 -4.11 -22.63
N SER B 152 17.17 -5.34 -23.03
CA SER B 152 16.20 -6.17 -22.33
C SER B 152 16.87 -6.99 -21.23
N CYS B 153 17.85 -7.81 -21.60
CA CYS B 153 18.57 -8.62 -20.63
C CYS B 153 19.99 -8.84 -21.13
N CYS B 154 20.90 -9.07 -20.19
CA CYS B 154 22.30 -9.31 -20.50
C CYS B 154 22.75 -10.61 -19.85
N ARG B 155 23.55 -11.38 -20.59
CA ARG B 155 24.06 -12.66 -20.09
C ARG B 155 25.54 -12.78 -20.43
N PHE B 156 26.23 -13.60 -19.65
CA PHE B 156 27.67 -13.81 -19.80
C PHE B 156 27.90 -15.24 -20.29
N LEU B 157 28.36 -15.35 -21.54
CA LEU B 157 28.76 -16.66 -22.06
C LEU B 157 29.98 -17.19 -21.32
N ASP B 158 31.01 -16.37 -21.17
CA ASP B 158 32.23 -16.73 -20.47
C ASP B 158 32.70 -15.50 -19.68
N ASP B 159 33.94 -15.55 -19.21
CA ASP B 159 34.53 -14.43 -18.51
C ASP B 159 34.90 -13.27 -19.43
N ASN B 160 34.80 -13.46 -20.75
CA ASN B 160 35.23 -12.46 -21.72
C ASN B 160 34.14 -12.22 -22.77
N GLN B 161 33.07 -13.04 -22.73
CA GLN B 161 32.03 -12.98 -23.74
C GLN B 161 30.73 -12.53 -23.10
N ILE B 162 30.02 -11.62 -23.77
CA ILE B 162 28.76 -11.09 -23.28
C ILE B 162 27.79 -10.97 -24.45
N VAL B 163 26.55 -11.41 -24.24
CA VAL B 163 25.48 -11.31 -25.23
C VAL B 163 24.38 -10.45 -24.63
N THR B 164 24.00 -9.38 -25.35
CA THR B 164 22.96 -8.47 -24.91
C THR B 164 21.89 -8.35 -25.99
N SER B 165 20.64 -8.31 -25.56
CA SER B 165 19.50 -8.14 -26.45
C SER B 165 18.93 -6.75 -26.27
N SER B 166 18.79 -6.01 -27.36
CA SER B 166 18.31 -4.64 -27.34
C SER B 166 16.94 -4.54 -28.00
N GLY B 167 16.44 -3.31 -28.08
CA GLY B 167 15.14 -3.02 -28.65
C GLY B 167 15.13 -2.79 -30.15
N ASP B 168 16.26 -2.96 -30.83
CA ASP B 168 16.34 -2.78 -32.27
C ASP B 168 16.04 -4.06 -33.04
N THR B 169 15.38 -5.03 -32.38
CA THR B 169 14.88 -6.26 -32.99
C THR B 169 16.06 -7.09 -33.54
N THR B 170 17.26 -6.86 -32.98
CA THR B 170 18.46 -7.61 -33.35
C THR B 170 19.20 -8.01 -32.08
N CYS B 171 19.95 -9.10 -32.18
CA CYS B 171 20.79 -9.56 -31.08
C CYS B 171 22.20 -8.98 -31.23
N ALA B 172 23.09 -9.37 -30.31
CA ALA B 172 24.45 -8.84 -30.32
C ALA B 172 25.39 -9.85 -29.67
N LEU B 173 26.68 -9.66 -29.95
CA LEU B 173 27.73 -10.50 -29.36
C LEU B 173 28.96 -9.59 -29.17
N TRP B 174 29.10 -9.05 -27.96
CA TRP B 174 30.17 -8.11 -27.66
C TRP B 174 31.40 -8.84 -27.13
N ASP B 175 32.56 -8.23 -27.34
CA ASP B 175 33.82 -8.73 -26.83
C ASP B 175 34.54 -7.61 -26.09
N ILE B 176 35.20 -7.97 -24.98
CA ILE B 176 35.86 -6.96 -24.15
C ILE B 176 37.06 -6.36 -24.89
N GLU B 177 37.90 -7.22 -25.48
CA GLU B 177 39.10 -6.73 -26.14
C GLU B 177 38.79 -6.10 -27.49
N THR B 178 37.80 -6.64 -28.21
CA THR B 178 37.49 -6.14 -29.55
C THR B 178 36.88 -4.75 -29.48
N GLY B 179 35.90 -4.55 -28.61
CA GLY B 179 35.27 -3.27 -28.40
C GLY B 179 33.93 -3.09 -29.09
N GLN B 180 33.62 -3.91 -30.09
CA GLN B 180 32.34 -3.86 -30.77
C GLN B 180 31.86 -5.28 -31.05
N GLN B 181 30.71 -5.38 -31.72
CA GLN B 181 30.10 -6.68 -31.97
C GLN B 181 30.93 -7.48 -32.97
N THR B 182 31.22 -8.73 -32.63
CA THR B 182 31.91 -9.61 -33.55
C THR B 182 31.01 -10.01 -34.71
N THR B 183 29.76 -10.40 -34.41
CA THR B 183 28.79 -10.76 -35.42
C THR B 183 27.43 -10.19 -35.04
N THR B 184 26.58 -10.02 -36.04
CA THR B 184 25.25 -9.46 -35.86
C THR B 184 24.21 -10.48 -36.31
N PHE B 185 23.20 -10.69 -35.47
CA PHE B 185 22.11 -11.61 -35.75
C PHE B 185 20.89 -10.82 -36.22
N THR B 186 20.39 -11.15 -37.41
CA THR B 186 19.27 -10.45 -38.01
C THR B 186 18.27 -11.47 -38.55
N GLY B 187 16.98 -11.15 -38.40
CA GLY B 187 15.92 -12.04 -38.86
C GLY B 187 14.70 -12.02 -37.98
N HIS B 188 14.80 -11.41 -36.80
CA HIS B 188 13.65 -11.28 -35.91
C HIS B 188 12.66 -10.26 -36.46
N THR B 189 11.38 -10.51 -36.21
CA THR B 189 10.32 -9.58 -36.57
C THR B 189 9.74 -8.83 -35.37
N GLY B 190 10.30 -9.04 -34.17
CA GLY B 190 9.77 -8.41 -32.98
C GLY B 190 10.87 -8.13 -31.97
N ASP B 191 10.52 -7.33 -30.97
CA ASP B 191 11.48 -6.93 -29.95
C ASP B 191 11.79 -8.09 -29.02
N VAL B 192 13.08 -8.32 -28.76
CA VAL B 192 13.52 -9.39 -27.88
C VAL B 192 13.34 -8.93 -26.43
N MET B 193 12.70 -9.79 -25.62
CA MET B 193 12.43 -9.47 -24.22
C MET B 193 13.35 -10.19 -23.24
N SER B 194 13.72 -11.45 -23.53
CA SER B 194 14.58 -12.20 -22.63
C SER B 194 15.27 -13.31 -23.41
N LEU B 195 16.35 -13.81 -22.84
CA LEU B 195 17.07 -14.94 -23.41
C LEU B 195 17.75 -15.72 -22.29
N SER B 196 18.04 -16.99 -22.56
CA SER B 196 18.69 -17.87 -21.61
C SER B 196 19.81 -18.62 -22.30
N LEU B 197 20.68 -19.23 -21.50
CA LEU B 197 21.82 -19.98 -21.99
C LEU B 197 21.74 -21.43 -21.55
N ALA B 198 22.01 -22.35 -22.47
CA ALA B 198 22.07 -23.76 -22.15
C ALA B 198 23.31 -24.07 -21.32
N PRO B 199 23.30 -25.17 -20.55
CA PRO B 199 24.48 -25.51 -19.75
C PRO B 199 25.75 -25.74 -20.56
N ASP B 200 25.64 -26.20 -21.81
CA ASP B 200 26.82 -26.41 -22.63
C ASP B 200 27.34 -25.14 -23.28
N THR B 201 26.62 -24.02 -23.12
CA THR B 201 27.03 -22.69 -23.62
C THR B 201 27.30 -22.73 -25.13
N ARG B 202 26.44 -23.39 -25.88
CA ARG B 202 26.58 -23.46 -27.33
C ARG B 202 25.30 -23.02 -28.02
N LEU B 203 24.15 -23.31 -27.41
CA LEU B 203 22.84 -23.02 -27.97
C LEU B 203 22.08 -22.08 -27.05
N PHE B 204 21.53 -21.01 -27.62
CA PHE B 204 20.72 -20.07 -26.86
C PHE B 204 19.54 -19.63 -27.72
N VAL B 205 18.40 -19.43 -27.07
CA VAL B 205 17.18 -19.00 -27.75
C VAL B 205 16.89 -17.56 -27.35
N SER B 206 16.10 -16.88 -28.18
CA SER B 206 15.69 -15.50 -27.93
C SER B 206 14.25 -15.34 -28.37
N GLY B 207 13.38 -15.00 -27.43
CA GLY B 207 11.96 -14.81 -27.72
C GLY B 207 11.64 -13.38 -28.06
N ALA B 208 10.77 -13.19 -29.04
CA ALA B 208 10.36 -11.88 -29.52
C ALA B 208 8.87 -11.67 -29.24
N CYS B 209 8.35 -10.53 -29.68
CA CYS B 209 6.96 -10.19 -29.51
C CYS B 209 6.06 -10.78 -30.59
N ASP B 210 6.63 -11.46 -31.59
CA ASP B 210 5.88 -12.08 -32.66
C ASP B 210 5.50 -13.53 -32.36
N ALA B 211 5.51 -13.91 -31.07
CA ALA B 211 5.23 -15.28 -30.63
C ALA B 211 6.16 -16.29 -31.31
N SER B 212 7.42 -15.91 -31.47
CA SER B 212 8.39 -16.72 -32.18
C SER B 212 9.66 -16.87 -31.35
N ALA B 213 10.20 -18.08 -31.33
CA ALA B 213 11.46 -18.39 -30.67
C ALA B 213 12.45 -18.89 -31.71
N LYS B 214 13.65 -18.33 -31.70
CA LYS B 214 14.67 -18.64 -32.69
C LYS B 214 15.92 -19.17 -32.01
N LEU B 215 16.56 -20.15 -32.64
CA LEU B 215 17.79 -20.74 -32.16
C LEU B 215 18.96 -20.19 -32.97
N TRP B 216 20.00 -19.73 -32.29
CA TRP B 216 21.14 -19.09 -32.93
C TRP B 216 22.43 -19.78 -32.53
N ASP B 217 23.43 -19.67 -33.41
CA ASP B 217 24.75 -20.26 -33.18
C ASP B 217 25.76 -19.15 -32.93
N VAL B 218 26.55 -19.30 -31.87
CA VAL B 218 27.56 -18.30 -31.55
C VAL B 218 28.68 -18.32 -32.58
N ARG B 219 28.94 -19.48 -33.19
CA ARG B 219 30.01 -19.62 -34.17
C ARG B 219 29.51 -19.42 -35.60
N GLU B 220 28.48 -20.16 -36.00
CA GLU B 220 27.94 -20.03 -37.35
C GLU B 220 27.30 -18.67 -37.58
N GLY B 221 26.56 -18.17 -36.59
CA GLY B 221 25.91 -16.89 -36.72
C GLY B 221 24.64 -16.89 -37.55
N MET B 222 24.07 -18.06 -37.82
CA MET B 222 22.85 -18.17 -38.61
C MET B 222 21.82 -18.98 -37.85
N CYS B 223 20.55 -18.59 -38.01
CA CYS B 223 19.47 -19.29 -37.33
C CYS B 223 19.23 -20.66 -37.95
N ARG B 224 18.84 -21.61 -37.11
CA ARG B 224 18.56 -22.97 -37.55
C ARG B 224 17.16 -23.45 -37.21
N GLN B 225 16.62 -23.04 -36.06
CA GLN B 225 15.30 -23.47 -35.61
C GLN B 225 14.40 -22.27 -35.39
N THR B 226 13.16 -22.37 -35.84
CA THR B 226 12.15 -21.34 -35.64
C THR B 226 10.88 -22.00 -35.13
N PHE B 227 10.36 -21.50 -34.01
CA PHE B 227 9.17 -22.04 -33.38
C PHE B 227 8.06 -21.00 -33.43
N THR B 228 6.89 -21.40 -33.93
CA THR B 228 5.74 -20.52 -34.04
C THR B 228 4.52 -21.15 -33.39
N GLY B 229 4.70 -21.75 -32.22
CA GLY B 229 3.64 -22.42 -31.50
C GLY B 229 2.96 -21.61 -30.43
N HIS B 230 3.24 -20.31 -30.33
CA HIS B 230 2.66 -19.45 -29.31
C HIS B 230 1.61 -18.53 -29.93
N GLU B 231 0.91 -17.81 -29.06
CA GLU B 231 -0.16 -16.91 -29.48
C GLU B 231 0.10 -15.44 -29.14
N SER B 232 0.91 -15.16 -28.13
CA SER B 232 1.18 -13.77 -27.75
C SER B 232 2.67 -13.55 -27.54
N ASP B 233 3.03 -12.37 -27.03
CA ASP B 233 4.44 -12.04 -26.82
C ASP B 233 5.04 -12.89 -25.71
N ILE B 234 6.35 -13.11 -25.80
CA ILE B 234 7.08 -13.93 -24.85
C ILE B 234 7.85 -13.00 -23.92
N ASN B 235 7.65 -13.16 -22.61
CA ASN B 235 8.29 -12.32 -21.61
C ASN B 235 9.49 -12.98 -20.94
N ALA B 236 9.40 -14.28 -20.64
CA ALA B 236 10.48 -14.98 -19.97
C ALA B 236 10.72 -16.31 -20.65
N ILE B 237 11.95 -16.82 -20.51
CA ILE B 237 12.33 -18.08 -21.14
C ILE B 237 13.49 -18.67 -20.34
N CYS B 238 13.59 -20.00 -20.35
CA CYS B 238 14.66 -20.70 -19.64
C CYS B 238 14.85 -22.07 -20.25
N PHE B 239 16.01 -22.67 -19.97
CA PHE B 239 16.37 -23.98 -20.48
C PHE B 239 16.21 -25.05 -19.40
N PHE B 240 15.96 -26.27 -19.86
CA PHE B 240 16.05 -27.44 -19.00
C PHE B 240 17.51 -27.67 -18.60
N PRO B 241 17.75 -28.27 -17.43
CA PRO B 241 19.12 -28.66 -17.07
C PRO B 241 19.75 -29.63 -18.06
N ASN B 242 18.95 -30.47 -18.72
CA ASN B 242 19.47 -31.34 -19.76
C ASN B 242 20.00 -30.52 -20.94
N GLY B 243 19.27 -29.48 -21.33
CA GLY B 243 19.65 -28.65 -22.45
C GLY B 243 19.07 -29.06 -23.79
N ASN B 244 18.40 -30.21 -23.85
CA ASN B 244 17.77 -30.67 -25.09
C ASN B 244 16.36 -30.13 -25.28
N ALA B 245 15.83 -29.39 -24.31
CA ALA B 245 14.49 -28.84 -24.40
C ALA B 245 14.41 -27.58 -23.55
N PHE B 246 13.38 -26.78 -23.80
CA PHE B 246 13.18 -25.55 -23.05
C PHE B 246 11.69 -25.21 -23.03
N ALA B 247 11.31 -24.39 -22.06
CA ALA B 247 9.92 -23.98 -21.89
C ALA B 247 9.87 -22.48 -21.64
N THR B 248 8.73 -21.88 -21.97
CA THR B 248 8.54 -20.45 -21.81
C THR B 248 7.08 -20.16 -21.52
N GLY B 249 6.84 -18.99 -20.94
CA GLY B 249 5.49 -18.56 -20.62
C GLY B 249 5.14 -17.23 -21.26
N SER B 250 4.06 -17.18 -22.03
CA SER B 250 3.63 -15.98 -22.72
C SER B 250 2.58 -15.24 -21.90
N ASP B 251 1.97 -14.22 -22.50
CA ASP B 251 1.01 -13.37 -21.81
C ASP B 251 -0.37 -14.00 -21.69
N ASP B 252 -0.65 -15.07 -22.44
CA ASP B 252 -1.97 -15.69 -22.45
C ASP B 252 -2.14 -16.73 -21.35
N ALA B 253 -1.35 -16.64 -20.28
CA ALA B 253 -1.47 -17.49 -19.10
C ALA B 253 -1.33 -18.97 -19.44
N THR B 254 -0.30 -19.30 -20.22
CA THR B 254 -0.02 -20.68 -20.57
C THR B 254 1.48 -20.84 -20.78
N CYS B 255 1.94 -22.08 -20.65
CA CYS B 255 3.34 -22.43 -20.84
C CYS B 255 3.44 -23.59 -21.82
N ARG B 256 4.41 -23.51 -22.72
CA ARG B 256 4.65 -24.55 -23.71
C ARG B 256 6.10 -24.99 -23.61
N LEU B 257 6.32 -26.31 -23.51
CA LEU B 257 7.66 -26.88 -23.40
C LEU B 257 8.09 -27.29 -24.81
N PHE B 258 8.95 -26.48 -25.42
CA PHE B 258 9.46 -26.78 -26.74
C PHE B 258 10.60 -27.79 -26.68
N ASP B 259 10.87 -28.42 -27.81
CA ASP B 259 11.93 -29.42 -27.93
C ASP B 259 12.87 -29.02 -29.05
N LEU B 260 14.17 -29.21 -28.82
CA LEU B 260 15.15 -28.90 -29.86
C LEU B 260 15.10 -29.93 -30.99
N ARG B 261 15.01 -31.22 -30.64
CA ARG B 261 14.98 -32.26 -31.66
C ARG B 261 13.62 -32.32 -32.35
N ALA B 262 12.54 -32.21 -31.58
CA ALA B 262 11.19 -32.32 -32.11
C ALA B 262 10.61 -30.93 -32.34
N ASP B 263 10.27 -30.63 -33.59
CA ASP B 263 9.73 -29.31 -33.96
C ASP B 263 8.21 -29.28 -33.78
N GLN B 264 7.79 -29.46 -32.53
CA GLN B 264 6.37 -29.44 -32.20
C GLN B 264 6.22 -29.14 -30.71
N GLU B 265 5.03 -28.67 -30.35
CA GLU B 265 4.72 -28.39 -28.95
C GLU B 265 4.44 -29.70 -28.22
N LEU B 266 5.09 -29.87 -27.07
CA LEU B 266 4.98 -31.12 -26.32
C LEU B 266 3.90 -31.05 -25.23
N MET B 267 3.94 -30.02 -24.40
CA MET B 267 3.03 -29.91 -23.27
C MET B 267 2.40 -28.53 -23.23
N THR B 268 1.18 -28.47 -22.70
CA THR B 268 0.44 -27.22 -22.53
C THR B 268 0.07 -27.07 -21.07
N TYR B 269 0.34 -25.89 -20.50
CA TYR B 269 0.08 -25.59 -19.10
C TYR B 269 -0.98 -24.52 -18.92
N SER B 270 -1.92 -24.43 -19.85
CA SER B 270 -2.99 -23.44 -19.76
C SER B 270 -3.95 -23.80 -18.63
N HIS B 271 -4.37 -22.79 -17.88
CA HIS B 271 -5.32 -22.95 -16.79
C HIS B 271 -6.41 -21.90 -16.92
N ASP B 272 -7.67 -22.34 -16.81
CA ASP B 272 -8.80 -21.43 -16.98
C ASP B 272 -9.01 -20.53 -15.77
N ASN B 273 -8.64 -20.98 -14.58
CA ASN B 273 -8.91 -20.22 -13.37
C ASN B 273 -8.03 -18.98 -13.24
N ILE B 274 -6.92 -18.91 -13.97
CA ILE B 274 -6.00 -17.78 -13.90
C ILE B 274 -5.83 -17.20 -15.29
N ILE B 275 -5.90 -15.88 -15.40
CA ILE B 275 -5.73 -15.18 -16.66
C ILE B 275 -4.55 -14.23 -16.66
N CYS B 276 -3.84 -14.11 -15.54
CA CYS B 276 -2.69 -13.21 -15.46
C CYS B 276 -1.54 -13.72 -16.30
N GLY B 277 -0.77 -12.79 -16.86
CA GLY B 277 0.34 -13.15 -17.71
C GLY B 277 1.52 -13.70 -16.91
N ILE B 278 2.47 -14.25 -17.65
CA ILE B 278 3.66 -14.87 -17.08
C ILE B 278 4.87 -14.04 -17.49
N THR B 279 5.61 -13.54 -16.50
CA THR B 279 6.80 -12.73 -16.75
C THR B 279 8.06 -13.34 -16.15
N SER B 280 7.97 -14.51 -15.53
CA SER B 280 9.13 -15.15 -14.92
C SER B 280 9.01 -16.64 -15.08
N VAL B 281 9.98 -17.24 -15.79
CA VAL B 281 9.99 -18.68 -16.04
C VAL B 281 11.38 -19.21 -15.68
N SER B 282 11.42 -20.23 -14.83
CA SER B 282 12.68 -20.86 -14.45
C SER B 282 12.41 -22.32 -14.11
N PHE B 283 13.47 -23.12 -14.16
CA PHE B 283 13.41 -24.54 -13.90
C PHE B 283 14.05 -24.86 -12.55
N SER B 284 14.11 -26.15 -12.24
CA SER B 284 14.69 -26.65 -11.00
C SER B 284 15.99 -27.39 -11.29
N LYS B 285 16.55 -28.00 -10.24
CA LYS B 285 17.79 -28.76 -10.40
C LYS B 285 17.57 -29.97 -11.30
N SER B 286 16.54 -30.77 -11.00
CA SER B 286 16.20 -31.92 -11.83
C SER B 286 15.20 -31.61 -12.93
N GLY B 287 14.63 -30.40 -12.92
CA GLY B 287 13.64 -30.03 -13.91
C GLY B 287 12.26 -30.57 -13.67
N ARG B 288 12.01 -31.24 -12.55
CA ARG B 288 10.68 -31.78 -12.27
C ARG B 288 9.68 -30.68 -12.00
N LEU B 289 10.10 -29.61 -11.34
CA LEU B 289 9.23 -28.50 -10.99
C LEU B 289 9.49 -27.32 -11.91
N LEU B 290 8.43 -26.77 -12.48
CA LEU B 290 8.50 -25.60 -13.36
C LEU B 290 7.91 -24.42 -12.61
N LEU B 291 8.78 -23.60 -12.00
CA LEU B 291 8.34 -22.42 -11.28
C LEU B 291 8.07 -21.30 -12.26
N ALA B 292 6.84 -20.77 -12.26
CA ALA B 292 6.43 -19.73 -13.17
C ALA B 292 5.86 -18.55 -12.40
N GLY B 293 6.32 -17.36 -12.73
CA GLY B 293 5.78 -16.16 -12.10
C GLY B 293 4.41 -15.81 -12.63
N TYR B 294 3.73 -14.92 -11.90
CA TYR B 294 2.38 -14.52 -12.25
C TYR B 294 2.12 -13.11 -11.74
N ASP B 295 1.10 -12.48 -12.30
CA ASP B 295 0.70 -11.12 -11.93
C ASP B 295 -0.34 -11.10 -10.82
N ASP B 296 -0.69 -12.26 -10.25
CA ASP B 296 -1.66 -12.34 -9.17
C ASP B 296 -1.01 -12.31 -7.80
N PHE B 297 0.14 -11.62 -7.68
CA PHE B 297 0.87 -11.45 -6.42
C PHE B 297 1.30 -12.79 -5.82
N ASN B 298 1.57 -13.78 -6.67
CA ASN B 298 2.00 -15.10 -6.20
C ASN B 298 2.74 -15.80 -7.33
N CYS B 299 3.45 -16.86 -6.95
CA CYS B 299 4.15 -17.71 -7.90
C CYS B 299 3.57 -19.12 -7.84
N ASN B 300 3.54 -19.79 -8.99
CA ASN B 300 2.97 -21.12 -9.10
C ASN B 300 4.04 -22.12 -9.54
N VAL B 301 3.91 -23.35 -9.06
CA VAL B 301 4.83 -24.44 -9.39
C VAL B 301 4.05 -25.47 -10.17
N TRP B 302 4.53 -25.80 -11.38
CA TRP B 302 3.87 -26.74 -12.27
C TRP B 302 4.79 -27.94 -12.48
N ASP B 303 4.22 -29.14 -12.36
CA ASP B 303 4.98 -30.35 -12.64
C ASP B 303 5.28 -30.46 -14.13
N ALA B 304 6.45 -30.98 -14.45
CA ALA B 304 6.87 -31.13 -15.84
C ALA B 304 6.33 -32.39 -16.50
N LEU B 305 5.60 -33.23 -15.77
CA LEU B 305 5.09 -34.48 -16.31
C LEU B 305 3.58 -34.64 -16.19
N LYS B 306 2.91 -33.91 -15.28
CA LYS B 306 1.48 -34.05 -15.08
C LYS B 306 0.70 -32.75 -15.26
N ALA B 307 1.38 -31.60 -15.35
CA ALA B 307 0.76 -30.30 -15.55
C ALA B 307 -0.27 -29.98 -14.47
N ASP B 308 0.09 -30.27 -13.22
CA ASP B 308 -0.77 -29.99 -12.08
C ASP B 308 -0.01 -29.11 -11.08
N ARG B 309 -0.73 -28.14 -10.51
CA ARG B 309 -0.12 -27.24 -9.54
C ARG B 309 0.21 -27.99 -8.26
N ALA B 310 1.42 -27.78 -7.75
CA ALA B 310 1.91 -28.46 -6.55
C ALA B 310 2.57 -27.46 -5.60
N GLY B 311 1.89 -26.34 -5.37
CA GLY B 311 2.41 -25.34 -4.46
C GLY B 311 2.31 -23.93 -4.99
N VAL B 312 1.94 -22.99 -4.13
CA VAL B 312 1.82 -21.58 -4.48
C VAL B 312 2.71 -20.77 -3.56
N LEU B 313 3.58 -19.96 -4.16
CA LEU B 313 4.52 -19.12 -3.40
C LEU B 313 3.93 -17.73 -3.12
N ALA B 314 2.75 -17.71 -2.51
CA ALA B 314 2.08 -16.45 -2.22
C ALA B 314 2.77 -15.74 -1.05
N GLY B 315 2.58 -14.42 -1.00
CA GLY B 315 3.16 -13.62 0.07
C GLY B 315 3.87 -12.37 -0.44
N HIS B 316 3.71 -12.06 -1.71
CA HIS B 316 4.35 -10.91 -2.33
C HIS B 316 3.39 -9.72 -2.36
N ASP B 317 3.88 -8.55 -1.95
CA ASP B 317 3.04 -7.35 -1.92
C ASP B 317 2.64 -6.92 -3.32
N ASN B 318 3.56 -6.97 -4.28
CA ASN B 318 3.33 -6.48 -5.63
C ASN B 318 3.49 -7.61 -6.63
N ARG B 319 3.44 -7.27 -7.91
CA ARG B 319 3.55 -8.25 -8.98
C ARG B 319 4.97 -8.80 -9.05
N VAL B 320 5.08 -10.12 -9.19
CA VAL B 320 6.38 -10.78 -9.31
C VAL B 320 6.94 -10.52 -10.70
N SER B 321 8.16 -9.98 -10.75
CA SER B 321 8.79 -9.63 -12.02
C SER B 321 10.01 -10.48 -12.36
N CYS B 322 10.75 -10.93 -11.35
CA CYS B 322 11.95 -11.74 -11.57
C CYS B 322 11.92 -12.98 -10.70
N LEU B 323 12.49 -14.06 -11.23
CA LEU B 323 12.57 -15.33 -10.53
C LEU B 323 13.99 -15.87 -10.60
N GLY B 324 14.48 -16.40 -9.49
CA GLY B 324 15.83 -16.91 -9.43
C GLY B 324 15.94 -18.26 -8.75
N VAL B 325 16.50 -19.24 -9.48
CA VAL B 325 16.73 -20.58 -8.95
C VAL B 325 18.22 -20.89 -9.10
N THR B 326 18.81 -21.42 -8.05
CA THR B 326 20.24 -21.73 -8.05
C THR B 326 20.54 -22.88 -9.00
N ASP B 327 21.82 -22.97 -9.40
CA ASP B 327 22.24 -24.01 -10.33
C ASP B 327 22.08 -25.40 -9.72
N ASP B 328 22.39 -25.55 -8.43
CA ASP B 328 22.27 -26.82 -7.74
C ASP B 328 20.90 -27.04 -7.13
N GLY B 329 19.97 -26.11 -7.32
CA GLY B 329 18.64 -26.24 -6.74
C GLY B 329 18.62 -26.17 -5.23
N MET B 330 19.51 -25.38 -4.63
CA MET B 330 19.55 -25.27 -3.17
C MET B 330 18.41 -24.40 -2.63
N ALA B 331 18.05 -23.34 -3.35
CA ALA B 331 17.02 -22.42 -2.89
C ALA B 331 16.40 -21.73 -4.10
N VAL B 332 15.25 -21.11 -3.87
CA VAL B 332 14.55 -20.34 -4.89
C VAL B 332 14.33 -18.93 -4.36
N ALA B 333 14.78 -17.94 -5.11
CA ALA B 333 14.63 -16.54 -4.75
C ALA B 333 13.61 -15.87 -5.66
N THR B 334 12.64 -15.19 -5.07
CA THR B 334 11.57 -14.53 -5.80
C THR B 334 11.65 -13.02 -5.56
N GLY B 335 11.58 -12.26 -6.66
CA GLY B 335 11.55 -10.82 -6.59
C GLY B 335 10.21 -10.28 -7.09
N SER B 336 10.00 -8.99 -6.82
CA SER B 336 8.76 -8.33 -7.18
C SER B 336 9.00 -6.84 -7.29
N TRP B 337 7.95 -6.10 -7.63
CA TRP B 337 8.03 -4.64 -7.76
C TRP B 337 8.24 -3.95 -6.43
N ASP B 338 7.88 -4.59 -5.31
CA ASP B 338 8.19 -4.04 -4.01
C ASP B 338 9.67 -4.20 -3.69
N SER B 339 10.15 -3.44 -2.72
CA SER B 339 11.55 -3.51 -2.32
C SER B 339 11.76 -4.56 -1.22
N PHE B 340 11.21 -5.75 -1.43
CA PHE B 340 11.36 -6.88 -0.54
C PHE B 340 11.90 -8.07 -1.32
N LEU B 341 12.82 -8.81 -0.70
CA LEU B 341 13.38 -10.01 -1.30
C LEU B 341 13.18 -11.18 -0.34
N LYS B 342 12.68 -12.29 -0.87
CA LYS B 342 12.39 -13.47 -0.08
C LYS B 342 13.12 -14.67 -0.68
N ILE B 343 13.69 -15.51 0.19
CA ILE B 343 14.39 -16.72 -0.21
C ILE B 343 13.56 -17.91 0.25
N TRP B 344 13.23 -18.80 -0.68
CA TRP B 344 12.41 -19.96 -0.40
C TRP B 344 13.29 -21.22 -0.37
N ASN B 345 12.66 -22.35 -0.10
CA ASN B 345 13.37 -23.63 -0.05
C ASN B 345 12.45 -24.78 -0.42
N LYS C 14 13.46 -13.89 -52.39
CA LYS C 14 14.03 -12.59 -52.03
C LYS C 14 14.56 -12.61 -50.61
N LEU C 15 13.76 -12.08 -49.68
CA LEU C 15 14.17 -12.04 -48.28
C LEU C 15 14.09 -13.40 -47.62
N VAL C 16 13.32 -14.33 -48.18
CA VAL C 16 13.18 -15.67 -47.61
C VAL C 16 14.28 -16.52 -48.23
N GLU C 17 15.44 -16.54 -47.58
CA GLU C 17 16.59 -17.31 -48.04
C GLU C 17 17.12 -18.30 -47.02
N GLN C 18 17.02 -17.99 -45.72
CA GLN C 18 17.50 -18.89 -44.68
C GLN C 18 16.56 -20.09 -44.47
N LEU C 19 15.32 -19.99 -44.92
CA LEU C 19 14.36 -21.08 -44.70
C LEU C 19 14.75 -22.33 -45.49
N LYS C 20 15.31 -22.15 -46.69
CA LYS C 20 15.73 -23.30 -47.49
C LYS C 20 16.87 -24.06 -46.81
N MET C 21 17.82 -23.34 -46.21
CA MET C 21 18.93 -23.99 -45.52
C MET C 21 18.48 -24.58 -44.19
N GLU C 22 17.49 -23.95 -43.53
CA GLU C 22 17.03 -24.39 -42.22
C GLU C 22 16.28 -25.71 -42.25
N ALA C 23 15.92 -26.21 -43.43
CA ALA C 23 15.12 -27.43 -43.53
C ALA C 23 15.98 -28.68 -43.29
N ASN C 24 16.50 -28.78 -42.06
CA ASN C 24 17.28 -29.94 -41.65
C ASN C 24 16.95 -30.32 -40.21
N ILE C 25 15.70 -30.09 -39.77
CA ILE C 25 15.32 -30.39 -38.41
C ILE C 25 15.25 -31.89 -38.19
N ASP C 26 14.95 -32.65 -39.25
CA ASP C 26 14.99 -34.13 -39.36
C ASP C 26 14.61 -34.85 -38.06
N ARG C 27 13.35 -34.63 -37.66
CA ARG C 27 12.79 -35.28 -36.48
C ARG C 27 12.88 -36.80 -36.61
N ILE C 28 13.18 -37.46 -35.50
CA ILE C 28 13.27 -38.92 -35.48
C ILE C 28 11.95 -39.49 -34.97
N LYS C 29 11.60 -39.17 -33.72
CA LYS C 29 10.37 -39.62 -33.11
C LYS C 29 10.16 -38.85 -31.81
N VAL C 30 8.93 -38.39 -31.58
CA VAL C 30 8.63 -37.61 -30.39
C VAL C 30 8.71 -38.48 -29.14
N SER C 31 8.31 -39.76 -29.23
CA SER C 31 8.28 -40.61 -28.05
C SER C 31 9.69 -40.91 -27.54
N LYS C 32 10.66 -41.01 -28.44
CA LYS C 32 12.05 -41.22 -28.01
C LYS C 32 12.57 -40.03 -27.23
N ALA C 33 12.27 -38.81 -27.69
CA ALA C 33 12.67 -37.62 -26.96
C ALA C 33 11.96 -37.53 -25.61
N ALA C 34 10.67 -37.91 -25.58
CA ALA C 34 9.95 -37.93 -24.31
C ALA C 34 10.56 -38.94 -23.33
N ALA C 35 10.95 -40.11 -23.83
CA ALA C 35 11.57 -41.11 -22.98
C ALA C 35 12.93 -40.64 -22.48
N ASP C 36 13.69 -39.94 -23.33
CA ASP C 36 14.97 -39.37 -22.90
C ASP C 36 14.75 -38.33 -21.80
N LEU C 37 13.72 -37.49 -21.97
CA LEU C 37 13.40 -36.49 -20.94
C LEU C 37 13.00 -37.17 -19.63
N MET C 38 12.21 -38.24 -19.72
CA MET C 38 11.82 -39.00 -18.55
C MET C 38 13.03 -39.61 -17.85
N ALA C 39 13.97 -40.18 -18.62
CA ALA C 39 15.17 -40.75 -18.03
C ALA C 39 16.00 -39.69 -17.34
N TYR C 40 16.13 -38.51 -17.95
CA TYR C 40 16.88 -37.43 -17.32
C TYR C 40 16.20 -36.96 -16.03
N CYS C 41 14.87 -36.88 -16.03
CA CYS C 41 14.15 -36.45 -14.83
C CYS C 41 14.29 -37.48 -13.70
N GLU C 42 14.19 -38.77 -14.02
CA GLU C 42 14.27 -39.77 -12.96
C GLU C 42 15.70 -39.97 -12.48
N ALA C 43 16.70 -39.75 -13.34
CA ALA C 43 18.09 -39.91 -12.93
C ALA C 43 18.49 -38.87 -11.88
N HIS C 44 18.04 -37.63 -12.06
CA HIS C 44 18.36 -36.55 -11.12
C HIS C 44 17.28 -36.36 -10.06
N ALA C 45 16.28 -37.23 -10.01
CA ALA C 45 15.20 -37.09 -9.03
C ALA C 45 15.70 -37.30 -7.62
N LYS C 46 16.60 -38.27 -7.41
CA LYS C 46 17.11 -38.54 -6.07
C LYS C 46 17.98 -37.41 -5.55
N GLU C 47 18.74 -36.76 -6.42
CA GLU C 47 19.61 -35.65 -6.04
C GLU C 47 18.94 -34.29 -6.22
N ASP C 48 17.61 -34.24 -6.12
CA ASP C 48 16.86 -33.00 -6.29
C ASP C 48 16.36 -32.52 -4.93
N PRO C 49 16.90 -31.43 -4.39
CA PRO C 49 16.38 -30.91 -3.11
C PRO C 49 14.95 -30.44 -3.17
N LEU C 50 14.44 -30.07 -4.34
CA LEU C 50 13.07 -29.61 -4.45
C LEU C 50 12.06 -30.76 -4.38
N LEU C 51 12.49 -31.98 -4.70
CA LEU C 51 11.57 -33.11 -4.70
C LEU C 51 11.13 -33.50 -3.29
N THR C 52 12.09 -33.60 -2.38
CA THR C 52 11.82 -34.03 -1.01
C THR C 52 12.42 -33.05 -0.03
N PRO C 53 11.78 -32.84 1.13
CA PRO C 53 12.35 -31.96 2.16
C PRO C 53 13.52 -32.62 2.87
N VAL C 54 14.72 -32.15 2.57
CA VAL C 54 15.94 -32.66 3.20
C VAL C 54 15.98 -32.18 4.64
N PRO C 55 16.63 -32.90 5.55
CA PRO C 55 16.72 -32.44 6.94
C PRO C 55 17.49 -31.14 7.06
N ALA C 56 17.14 -30.36 8.08
CA ALA C 56 17.74 -29.04 8.29
C ALA C 56 19.17 -29.11 8.81
N SER C 57 19.65 -30.30 9.20
CA SER C 57 21.02 -30.43 9.68
C SER C 57 22.03 -30.08 8.59
N GLU C 58 21.79 -30.55 7.37
CA GLU C 58 22.64 -30.20 6.23
C GLU C 58 22.19 -28.94 5.52
N ASN C 59 21.02 -28.40 5.87
CA ASN C 59 20.55 -27.18 5.23
C ASN C 59 21.20 -25.96 5.89
N PRO C 60 21.86 -25.09 5.11
CA PRO C 60 22.47 -23.90 5.70
C PRO C 60 21.50 -22.73 5.76
N PHE C 61 20.22 -23.00 5.59
CA PHE C 61 19.17 -21.99 5.61
C PHE C 61 18.22 -22.21 6.78
N ARG C 62 18.78 -22.53 7.95
CA ARG C 62 17.98 -22.74 9.15
C ARG C 62 17.42 -21.44 9.69
N GLN D 3 1.51 -19.40 -34.07
CA GLN D 3 1.48 -18.34 -35.08
C GLN D 3 0.08 -17.77 -35.24
N VAL D 4 -0.02 -16.62 -35.90
CA VAL D 4 -1.28 -15.96 -36.16
C VAL D 4 -1.42 -15.76 -37.67
N GLN D 5 -2.64 -15.95 -38.18
CA GLN D 5 -2.95 -15.80 -39.59
C GLN D 5 -4.05 -14.78 -39.76
N LEU D 6 -3.81 -13.78 -40.61
CA LEU D 6 -4.78 -12.73 -40.90
C LEU D 6 -4.85 -12.55 -42.41
N GLN D 7 -5.89 -13.12 -43.03
CA GLN D 7 -6.10 -13.03 -44.46
C GLN D 7 -7.44 -12.38 -44.73
N GLU D 8 -7.46 -11.45 -45.69
CA GLU D 8 -8.67 -10.74 -46.06
C GLU D 8 -8.80 -10.70 -47.58
N SER D 9 -10.04 -10.60 -48.05
CA SER D 9 -10.32 -10.56 -49.48
C SER D 9 -11.59 -9.76 -49.70
N GLY D 10 -11.76 -9.30 -50.94
CA GLY D 10 -12.93 -8.52 -51.31
C GLY D 10 -12.60 -7.09 -51.65
N GLY D 11 -11.39 -6.85 -52.15
CA GLY D 11 -10.97 -5.51 -52.53
C GLY D 11 -11.25 -5.19 -53.98
N GLY D 12 -10.22 -4.81 -54.72
CA GLY D 12 -10.37 -4.49 -56.13
C GLY D 12 -10.95 -3.10 -56.33
N LEU D 13 -11.25 -2.82 -57.60
CA LEU D 13 -11.82 -1.54 -58.00
C LEU D 13 -13.30 -1.72 -58.31
N VAL D 14 -14.13 -0.90 -57.67
CA VAL D 14 -15.57 -0.95 -57.84
C VAL D 14 -16.10 0.47 -58.00
N GLN D 15 -17.30 0.56 -58.57
CA GLN D 15 -17.95 1.85 -58.74
C GLN D 15 -18.35 2.43 -57.38
N PRO D 16 -18.34 3.76 -57.24
CA PRO D 16 -18.79 4.36 -55.98
C PRO D 16 -20.26 4.08 -55.71
N GLY D 17 -20.58 3.92 -54.43
CA GLY D 17 -21.94 3.61 -54.02
C GLY D 17 -22.33 2.15 -54.14
N GLY D 18 -21.39 1.27 -54.46
CA GLY D 18 -21.71 -0.14 -54.60
C GLY D 18 -21.95 -0.84 -53.28
N SER D 19 -21.45 -0.28 -52.17
CA SER D 19 -21.63 -0.84 -50.83
C SER D 19 -21.13 -2.29 -50.74
N LEU D 20 -19.96 -2.53 -51.31
CA LEU D 20 -19.36 -3.86 -51.25
C LEU D 20 -18.88 -4.17 -49.83
N ARG D 21 -18.81 -5.46 -49.52
CA ARG D 21 -18.46 -5.94 -48.19
C ARG D 21 -17.02 -6.44 -48.19
N LEU D 22 -16.25 -6.00 -47.20
CA LEU D 22 -14.87 -6.43 -47.00
C LEU D 22 -14.77 -7.13 -45.66
N SER D 23 -14.18 -8.33 -45.66
CA SER D 23 -14.06 -9.13 -44.46
C SER D 23 -12.65 -9.67 -44.32
N CYS D 24 -12.23 -9.90 -43.08
CA CYS D 24 -10.93 -10.47 -42.77
C CYS D 24 -11.10 -11.71 -41.91
N ALA D 25 -10.22 -12.69 -42.12
CA ALA D 25 -10.28 -13.96 -41.43
C ALA D 25 -9.14 -14.05 -40.43
N ALA D 26 -9.47 -14.46 -39.20
CA ALA D 26 -8.49 -14.60 -38.13
C ALA D 26 -8.35 -16.08 -37.75
N SER D 27 -7.13 -16.56 -37.72
CA SER D 27 -6.85 -17.96 -37.39
C SER D 27 -5.60 -18.04 -36.53
N GLY D 28 -5.49 -19.14 -35.79
CA GLY D 28 -4.34 -19.38 -34.94
C GLY D 28 -4.44 -18.82 -33.53
N PHE D 29 -5.51 -18.10 -33.21
CA PHE D 29 -5.68 -17.53 -31.88
C PHE D 29 -7.17 -17.40 -31.58
N THR D 30 -7.48 -17.27 -30.29
CA THR D 30 -8.88 -17.15 -29.86
C THR D 30 -9.45 -15.80 -30.32
N PHE D 31 -10.59 -15.86 -31.02
CA PHE D 31 -11.17 -14.64 -31.57
C PHE D 31 -11.82 -13.79 -30.49
N SER D 32 -12.54 -14.42 -29.55
CA SER D 32 -13.26 -13.68 -28.54
C SER D 32 -12.34 -13.11 -27.47
N ASN D 33 -11.24 -13.80 -27.17
CA ASN D 33 -10.37 -13.36 -26.08
C ASN D 33 -9.48 -12.18 -26.45
N TYR D 34 -9.33 -11.87 -27.73
CA TYR D 34 -8.45 -10.82 -28.20
C TYR D 34 -9.25 -9.75 -28.94
N LYS D 35 -8.97 -8.50 -28.63
CA LYS D 35 -9.64 -7.38 -29.30
C LYS D 35 -9.16 -7.26 -30.74
N MET D 36 -10.06 -6.81 -31.62
CA MET D 36 -9.77 -6.64 -33.04
C MET D 36 -9.93 -5.19 -33.42
N ASN D 37 -8.98 -4.66 -34.18
CA ASN D 37 -8.98 -3.28 -34.62
C ASN D 37 -8.82 -3.22 -36.13
N TRP D 38 -9.28 -2.11 -36.72
CA TRP D 38 -9.17 -1.86 -38.14
C TRP D 38 -8.22 -0.69 -38.37
N VAL D 39 -7.15 -0.93 -39.13
CA VAL D 39 -6.14 0.07 -39.43
C VAL D 39 -5.98 0.18 -40.94
N ARG D 40 -6.00 1.40 -41.45
CA ARG D 40 -5.81 1.65 -42.87
C ARG D 40 -4.61 2.57 -43.07
N GLN D 41 -4.00 2.47 -44.25
CA GLN D 41 -2.84 3.28 -44.61
C GLN D 41 -3.09 3.93 -45.96
N ALA D 42 -3.27 5.25 -45.96
CA ALA D 42 -3.45 5.97 -47.20
C ALA D 42 -2.14 6.02 -48.00
N PRO D 43 -2.22 6.02 -49.32
CA PRO D 43 -0.99 6.13 -50.14
C PRO D 43 -0.36 7.50 -49.96
N GLY D 44 0.94 7.50 -49.63
CA GLY D 44 1.65 8.74 -49.38
C GLY D 44 1.42 9.33 -48.00
N LYS D 45 0.73 8.62 -47.12
CA LYS D 45 0.44 9.11 -45.77
C LYS D 45 0.64 7.98 -44.78
N GLY D 46 0.71 8.36 -43.50
CA GLY D 46 0.91 7.38 -42.45
C GLY D 46 -0.33 6.55 -42.19
N LEU D 47 -0.14 5.52 -41.37
CA LEU D 47 -1.24 4.62 -41.01
C LEU D 47 -2.26 5.34 -40.14
N GLU D 48 -3.54 5.03 -40.37
CA GLU D 48 -4.62 5.64 -39.64
C GLU D 48 -5.55 4.57 -39.07
N TRP D 49 -5.94 4.73 -37.82
CA TRP D 49 -6.89 3.83 -37.19
C TRP D 49 -8.30 4.10 -37.70
N VAL D 50 -9.07 3.05 -37.92
CA VAL D 50 -10.42 3.14 -38.47
C VAL D 50 -11.49 2.92 -37.40
N SER D 51 -11.52 1.71 -36.82
CA SER D 51 -12.53 1.38 -35.83
C SER D 51 -12.05 0.20 -35.00
N ASP D 52 -12.68 0.03 -33.84
CA ASP D 52 -12.38 -1.07 -32.94
C ASP D 52 -13.67 -1.58 -32.32
N ILE D 53 -13.67 -2.87 -31.99
CA ILE D 53 -14.81 -3.52 -31.36
C ILE D 53 -14.30 -4.34 -30.17
N SER D 54 -14.96 -4.21 -29.03
CA SER D 54 -14.54 -4.91 -27.83
C SER D 54 -14.98 -6.37 -27.87
N GLN D 55 -14.57 -7.13 -26.84
CA GLN D 55 -14.94 -8.53 -26.76
C GLN D 55 -16.44 -8.71 -26.58
N SER D 56 -17.05 -7.88 -25.73
CA SER D 56 -18.49 -7.97 -25.53
C SER D 56 -19.26 -7.39 -26.71
N GLY D 57 -18.68 -6.43 -27.42
CA GLY D 57 -19.33 -5.80 -28.54
C GLY D 57 -20.04 -4.50 -28.25
N ALA D 58 -19.88 -3.95 -27.05
CA ALA D 58 -20.52 -2.69 -26.68
C ALA D 58 -19.63 -1.48 -26.87
N SER D 59 -18.31 -1.64 -26.69
CA SER D 59 -17.37 -0.53 -26.83
C SER D 59 -16.95 -0.41 -28.29
N ILE D 60 -17.83 0.20 -29.08
CA ILE D 60 -17.60 0.43 -30.50
C ILE D 60 -17.46 1.93 -30.73
N SER D 61 -16.35 2.33 -31.35
CA SER D 61 -16.07 3.74 -31.61
C SER D 61 -15.57 3.91 -33.04
N TYR D 62 -15.78 5.10 -33.57
CA TYR D 62 -15.37 5.44 -34.92
C TYR D 62 -14.67 6.80 -34.91
N THR D 63 -13.84 7.02 -35.92
CA THR D 63 -13.11 8.28 -36.04
C THR D 63 -14.01 9.35 -36.63
N GLY D 64 -13.44 10.53 -36.87
CA GLY D 64 -14.20 11.66 -37.36
C GLY D 64 -14.54 11.63 -38.83
N SER D 65 -13.97 10.69 -39.59
CA SER D 65 -14.22 10.59 -41.02
C SER D 65 -15.10 9.41 -41.40
N VAL D 66 -15.14 8.35 -40.60
CA VAL D 66 -15.89 7.15 -40.91
C VAL D 66 -17.04 6.92 -39.93
N LYS D 67 -17.40 7.95 -39.16
CA LYS D 67 -18.46 7.81 -38.16
C LYS D 67 -19.81 7.66 -38.85
N GLY D 68 -20.58 6.67 -38.44
CA GLY D 68 -21.90 6.43 -38.98
C GLY D 68 -21.96 5.61 -40.26
N ARG D 69 -21.08 5.93 -41.21
CA ARG D 69 -21.07 5.22 -42.48
C ARG D 69 -20.51 3.81 -42.36
N PHE D 70 -19.63 3.59 -41.38
CA PHE D 70 -18.95 2.31 -41.23
C PHE D 70 -19.67 1.46 -40.18
N THR D 71 -19.90 0.20 -40.51
CA THR D 71 -20.55 -0.75 -39.61
C THR D 71 -19.68 -1.99 -39.50
N ILE D 72 -19.54 -2.51 -38.28
CA ILE D 72 -18.74 -3.70 -38.01
C ILE D 72 -19.60 -4.71 -37.26
N SER D 73 -19.46 -5.98 -37.62
CA SER D 73 -20.20 -7.06 -36.99
C SER D 73 -19.24 -8.15 -36.55
N ARG D 74 -19.55 -8.77 -35.42
CA ARG D 74 -18.72 -9.80 -34.81
C ARG D 74 -19.55 -11.06 -34.60
N ASP D 75 -19.01 -12.20 -35.04
CA ASP D 75 -19.61 -13.50 -34.77
C ASP D 75 -18.54 -14.47 -34.25
N ASN D 76 -18.95 -15.37 -33.36
CA ASN D 76 -18.01 -16.32 -32.77
C ASN D 76 -17.96 -17.65 -33.50
N ALA D 77 -19.01 -18.01 -34.23
CA ALA D 77 -19.04 -19.30 -34.91
C ALA D 77 -18.08 -19.33 -36.10
N LYS D 78 -18.09 -18.28 -36.91
CA LYS D 78 -17.25 -18.24 -38.10
C LYS D 78 -15.83 -17.75 -37.84
N ASN D 79 -15.59 -17.13 -36.68
CA ASN D 79 -14.28 -16.59 -36.30
C ASN D 79 -13.76 -15.59 -37.34
N THR D 80 -14.66 -14.78 -37.88
CA THR D 80 -14.33 -13.77 -38.88
C THR D 80 -14.87 -12.42 -38.45
N LEU D 81 -14.24 -11.37 -38.97
CA LEU D 81 -14.63 -9.99 -38.71
C LEU D 81 -15.09 -9.34 -40.01
N TYR D 82 -16.21 -8.63 -39.94
CA TYR D 82 -16.80 -7.98 -41.10
C TYR D 82 -16.73 -6.46 -40.94
N LEU D 83 -16.47 -5.78 -42.07
CA LEU D 83 -16.43 -4.32 -42.13
C LEU D 83 -17.33 -3.88 -43.26
N GLN D 84 -18.41 -3.16 -42.92
CA GLN D 84 -19.36 -2.67 -43.92
C GLN D 84 -18.96 -1.25 -44.30
N MET D 85 -18.32 -1.13 -45.46
CA MET D 85 -17.85 0.15 -45.95
C MET D 85 -18.87 0.71 -46.95
N ASN D 86 -19.28 1.95 -46.74
CA ASN D 86 -20.28 2.60 -47.58
C ASN D 86 -19.86 4.03 -47.84
N SER D 87 -20.60 4.68 -48.75
CA SER D 87 -20.35 6.07 -49.16
C SER D 87 -18.94 6.25 -49.70
N LEU D 88 -18.67 5.58 -50.82
CA LEU D 88 -17.35 5.61 -51.42
C LEU D 88 -17.02 7.00 -51.94
N LYS D 89 -15.80 7.46 -51.66
CA LYS D 89 -15.30 8.73 -52.13
C LYS D 89 -13.90 8.54 -52.70
N PRO D 90 -13.49 9.37 -53.66
CA PRO D 90 -12.17 9.17 -54.29
C PRO D 90 -10.99 9.29 -53.33
N GLU D 91 -11.11 10.06 -52.27
CA GLU D 91 -10.01 10.25 -51.33
C GLU D 91 -10.00 9.22 -50.21
N ASP D 92 -10.91 8.25 -50.23
CA ASP D 92 -10.96 7.19 -49.23
C ASP D 92 -10.13 5.98 -49.61
N THR D 93 -9.46 6.00 -50.75
CA THR D 93 -8.67 4.85 -51.17
C THR D 93 -7.46 4.66 -50.27
N ALA D 94 -7.20 3.40 -49.91
CA ALA D 94 -6.12 3.03 -49.01
C ALA D 94 -6.00 1.50 -49.03
N VAL D 95 -5.13 0.98 -48.17
CA VAL D 95 -5.00 -0.45 -47.94
C VAL D 95 -5.35 -0.73 -46.49
N TYR D 96 -6.13 -1.78 -46.26
CA TYR D 96 -6.68 -2.09 -44.95
C TYR D 96 -6.02 -3.33 -44.37
N TYR D 97 -5.64 -3.26 -43.10
CA TYR D 97 -5.07 -4.40 -42.38
C TYR D 97 -6.03 -4.82 -41.28
N CYS D 98 -6.29 -6.13 -41.18
CA CYS D 98 -7.10 -6.67 -40.09
C CYS D 98 -6.22 -6.80 -38.85
N ALA D 99 -6.07 -5.68 -38.15
CA ALA D 99 -5.19 -5.62 -37.00
C ALA D 99 -5.76 -6.42 -35.82
N ARG D 100 -4.87 -6.89 -34.96
CA ARG D 100 -5.24 -7.69 -33.80
C ARG D 100 -4.52 -7.14 -32.57
N CYS D 101 -5.27 -6.98 -31.48
CA CYS D 101 -4.70 -6.53 -30.23
C CYS D 101 -4.16 -7.73 -29.45
N PRO D 102 -2.88 -7.79 -29.13
CA PRO D 102 -2.30 -8.99 -28.50
C PRO D 102 -2.50 -9.07 -27.00
N ALA D 103 -3.27 -8.18 -26.39
CA ALA D 103 -3.48 -8.20 -24.95
C ALA D 103 -4.85 -8.79 -24.63
N PRO D 104 -4.92 -9.98 -24.03
CA PRO D 104 -6.23 -10.55 -23.70
C PRO D 104 -6.84 -9.85 -22.48
N PHE D 105 -8.13 -9.54 -22.61
CA PHE D 105 -8.94 -8.92 -21.56
C PHE D 105 -8.43 -7.55 -21.13
N THR D 106 -7.56 -6.92 -21.93
CA THR D 106 -7.04 -5.60 -21.63
C THR D 106 -6.79 -4.87 -22.94
N ARG D 107 -7.04 -3.56 -22.94
CA ARG D 107 -6.97 -2.74 -24.15
C ARG D 107 -5.71 -1.89 -24.21
N ASP D 108 -4.58 -2.39 -23.74
CA ASP D 108 -3.31 -1.66 -23.78
C ASP D 108 -2.47 -2.22 -24.92
N CYS D 109 -2.73 -1.72 -26.13
CA CYS D 109 -1.97 -2.13 -27.29
C CYS D 109 -1.99 -1.00 -28.32
N PHE D 110 -1.02 -1.03 -29.23
CA PHE D 110 -0.82 0.04 -30.20
C PHE D 110 -0.92 -0.52 -31.61
N ASP D 111 -1.77 0.12 -32.43
CA ASP D 111 -1.97 -0.28 -33.81
C ASP D 111 -1.91 0.89 -34.79
N VAL D 112 -1.72 2.12 -34.30
CA VAL D 112 -1.75 3.30 -35.15
C VAL D 112 -0.36 3.72 -35.65
N THR D 113 0.70 3.15 -35.09
CA THR D 113 2.05 3.54 -35.46
C THR D 113 2.36 3.14 -36.90
N SER D 114 3.24 3.93 -37.55
CA SER D 114 3.58 3.68 -38.93
C SER D 114 4.50 2.47 -39.11
N THR D 115 5.16 2.04 -38.05
CA THR D 115 6.04 0.87 -38.14
C THR D 115 5.21 -0.40 -38.30
N THR D 116 5.88 -1.44 -38.79
CA THR D 116 5.21 -2.72 -38.99
C THR D 116 4.85 -3.35 -37.65
N TYR D 117 3.79 -4.17 -37.67
CA TYR D 117 3.28 -4.82 -36.47
C TYR D 117 3.37 -6.32 -36.61
N ALA D 118 3.52 -7.00 -35.48
CA ALA D 118 3.65 -8.46 -35.47
C ALA D 118 2.32 -9.18 -35.61
N TYR D 119 1.20 -8.46 -35.53
CA TYR D 119 -0.13 -9.06 -35.59
C TYR D 119 -1.01 -8.28 -36.56
N ARG D 120 -0.48 -7.99 -37.74
CA ARG D 120 -1.21 -7.26 -38.77
C ARG D 120 -1.17 -8.04 -40.08
N GLY D 121 -2.21 -7.86 -40.88
CA GLY D 121 -2.31 -8.56 -42.14
C GLY D 121 -1.46 -7.95 -43.23
N GLN D 122 -1.40 -8.65 -44.37
CA GLN D 122 -0.61 -8.17 -45.51
C GLN D 122 -1.21 -6.90 -46.10
N GLY D 123 -2.53 -6.84 -46.22
CA GLY D 123 -3.20 -5.69 -46.76
C GLY D 123 -3.62 -5.87 -48.21
N THR D 124 -4.80 -5.38 -48.54
CA THR D 124 -5.34 -5.44 -49.88
C THR D 124 -5.65 -4.04 -50.38
N GLN D 125 -5.37 -3.79 -51.66
CA GLN D 125 -5.61 -2.48 -52.23
C GLN D 125 -7.11 -2.24 -52.43
N VAL D 126 -7.58 -1.09 -51.97
CA VAL D 126 -8.98 -0.69 -52.11
C VAL D 126 -9.02 0.65 -52.84
N THR D 127 -9.77 0.70 -53.93
CA THR D 127 -9.88 1.93 -54.72
C THR D 127 -11.26 1.98 -55.36
N VAL D 128 -11.66 3.19 -55.75
CA VAL D 128 -12.95 3.41 -56.39
C VAL D 128 -12.83 3.24 -57.90
N HIS E 1 -9.69 18.20 32.79
CA HIS E 1 -10.27 17.47 31.67
C HIS E 1 -11.46 16.63 32.12
N AIB E 2 -12.14 16.03 31.14
CA AIB E 2 -13.40 15.31 31.35
C AIB E 2 -13.46 14.22 32.43
O AIB E 2 -14.38 14.13 33.27
CB1 AIB E 2 -14.54 16.29 31.67
CB2 AIB E 2 -13.78 14.57 30.06
N GLN E 3 -12.45 13.36 32.42
CA GLN E 3 -12.42 12.20 33.30
C GLN E 3 -11.94 12.54 34.71
N GLY E 4 -11.00 13.48 34.79
CA GLY E 4 -10.40 13.80 36.08
C GLY E 4 -11.37 14.42 37.06
N THR E 5 -12.20 15.36 36.58
CA THR E 5 -13.18 15.99 37.45
C THR E 5 -14.23 14.99 37.92
N PHE E 6 -14.67 14.09 37.02
CA PHE E 6 -15.63 13.07 37.41
C PHE E 6 -15.04 12.12 38.44
N THR E 7 -13.77 11.73 38.26
CA THR E 7 -13.13 10.84 39.22
C THR E 7 -12.96 11.54 40.57
N SER E 8 -12.62 12.82 40.56
CA SER E 8 -12.49 13.57 41.81
C SER E 8 -13.83 13.68 42.51
N ASP E 9 -14.91 13.94 41.76
CA ASP E 9 -16.24 14.02 42.35
C ASP E 9 -16.66 12.67 42.94
N LYS E 10 -16.37 11.58 42.24
CA LYS E 10 -16.70 10.25 42.76
C LYS E 10 -15.89 9.94 44.02
N SER E 11 -14.62 10.32 44.04
CA SER E 11 -13.81 10.11 45.24
C SER E 11 -14.33 10.92 46.41
N LYS E 12 -14.75 12.17 46.14
CA LYS E 12 -15.32 13.00 47.19
C LYS E 12 -16.62 12.41 47.73
N TYR E 13 -17.48 11.90 46.84
CA TYR E 13 -18.71 11.27 47.30
C TYR E 13 -18.43 10.00 48.09
N LEU E 14 -17.43 9.22 47.66
CA LEU E 14 -17.08 8.00 48.39
C LEU E 14 -16.54 8.34 49.77
N ASP E 15 -15.75 9.40 49.88
CA ASP E 15 -15.24 9.82 51.18
C ASP E 15 -16.37 10.34 52.07
N GLU E 16 -17.32 11.06 51.48
CA GLU E 16 -18.50 11.50 52.24
C GLU E 16 -19.32 10.32 52.75
N ARG E 17 -19.50 9.30 51.90
CA ARG E 17 -20.24 8.11 52.30
C ARG E 17 -19.49 7.35 53.39
N ALA E 18 -18.16 7.31 53.30
CA ALA E 18 -17.36 6.72 54.38
C ALA E 18 -17.51 7.49 55.67
N ALA E 19 -17.56 8.81 55.61
CA ALA E 19 -17.77 9.62 56.80
C ALA E 19 -19.15 9.35 57.41
N GLN E 20 -20.18 9.23 56.56
CA GLN E 20 -21.50 8.88 57.06
C GLN E 20 -21.54 7.48 57.67
N ASP E 21 -20.80 6.53 57.07
CA ASP E 21 -20.72 5.19 57.65
C ASP E 21 -20.01 5.21 59.00
N PHE E 22 -18.97 6.04 59.12
CA PHE E 22 -18.30 6.20 60.41
C PHE E 22 -19.23 6.79 61.46
N VAL E 23 -20.03 7.79 61.06
CA VAL E 23 -21.00 8.40 61.97
C VAL E 23 -22.04 7.37 62.41
N GLN E 24 -22.52 6.55 61.47
CA GLN E 24 -23.48 5.51 61.80
C GLN E 24 -22.87 4.44 62.70
N TRP E 25 -21.59 4.11 62.48
CA TRP E 25 -20.94 3.11 63.32
C TRP E 25 -20.80 3.59 64.75
N LEU E 26 -20.43 4.87 64.94
CA LEU E 26 -20.45 5.42 66.29
C LEU E 26 -21.86 5.71 66.79
N LEU E 27 -22.87 5.66 65.92
CA LEU E 27 -24.25 5.84 66.34
C LEU E 27 -24.86 4.57 66.89
N ASP E 28 -24.20 3.43 66.76
CA ASP E 28 -24.72 2.16 67.26
C ASP E 28 -24.26 1.90 68.68
N GLN F 1 -9.04 14.70 52.72
CA GLN F 1 -10.12 15.58 52.31
C GLN F 1 -11.06 15.86 53.47
N VAL F 2 -11.90 14.88 53.82
CA VAL F 2 -12.86 15.01 54.91
C VAL F 2 -12.60 13.99 56.02
N MET F 3 -12.19 12.77 55.65
CA MET F 3 -12.07 11.69 56.64
C MET F 3 -10.96 11.98 57.65
N ASP F 4 -9.82 12.50 57.19
CA ASP F 4 -8.72 12.77 58.11
C ASP F 4 -9.05 13.88 59.10
N PHE F 5 -9.70 14.96 58.62
CA PHE F 5 -10.15 15.99 59.55
C PHE F 5 -11.21 15.45 60.50
N LEU F 6 -12.08 14.56 60.01
CA LEU F 6 -13.08 13.94 60.87
C LEU F 6 -12.43 13.11 61.97
N PHE F 7 -11.39 12.34 61.62
CA PHE F 7 -10.67 11.55 62.61
C PHE F 7 -9.94 12.44 63.61
N GLU F 8 -9.36 13.54 63.13
CA GLU F 8 -8.70 14.48 64.04
C GLU F 8 -9.70 15.11 65.02
N LYS F 9 -10.89 15.48 64.52
CA LYS F 9 -11.91 16.03 65.39
C LYS F 9 -12.40 14.99 66.40
N TRP F 10 -12.53 13.74 65.97
CA TRP F 10 -12.95 12.68 66.89
C TRP F 10 -11.89 12.45 67.98
N LYS F 11 -10.61 12.47 67.61
CA LYS F 11 -9.55 12.33 68.60
C LYS F 11 -9.53 13.51 69.55
N LEU F 12 -9.76 14.72 69.04
CA LEU F 12 -9.84 15.89 69.90
C LEU F 12 -11.01 15.78 70.88
N TYR F 13 -12.16 15.31 70.40
CA TYR F 13 -13.30 15.10 71.29
C TYR F 13 -12.97 14.05 72.35
N GLY F 14 -12.28 12.97 71.94
CA GLY F 14 -11.95 11.92 72.89
C GLY F 14 -11.01 12.38 73.99
N ASP F 15 -9.95 13.09 73.62
CA ASP F 15 -9.00 13.45 74.67
C ASP F 15 -9.48 14.65 75.48
N GLN F 16 -10.35 15.51 74.93
CA GLN F 16 -10.96 16.51 75.82
C GLN F 16 -11.96 15.86 76.76
N CYS F 17 -12.63 14.78 76.32
CA CYS F 17 -13.48 14.02 77.22
C CYS F 17 -12.68 13.38 78.35
N HIS F 18 -11.50 12.83 78.00
CA HIS F 18 -10.62 12.27 79.03
C HIS F 18 -10.14 13.36 79.99
N HIS F 19 -9.80 14.53 79.46
CA HIS F 19 -9.37 15.64 80.32
C HIS F 19 -10.50 16.07 81.26
N ASN F 20 -11.73 16.15 80.74
CA ASN F 20 -12.86 16.55 81.57
C ASN F 20 -13.15 15.50 82.64
N LEU F 21 -13.05 14.22 82.28
CA LEU F 21 -13.26 13.16 83.26
C LEU F 21 -12.20 13.18 84.34
N SER F 22 -10.95 13.46 83.96
CA SER F 22 -9.88 13.56 84.96
C SER F 22 -10.08 14.77 85.87
N LEU F 23 -10.52 15.89 85.29
CA LEU F 23 -10.74 17.10 86.09
C LEU F 23 -11.91 16.91 87.06
N LEU F 24 -12.99 16.28 86.62
CA LEU F 24 -14.16 16.10 87.46
C LEU F 24 -13.92 14.99 88.48
N PRO F 25 -14.05 15.27 89.78
CA PRO F 25 -13.92 14.19 90.76
C PRO F 25 -15.08 13.22 90.66
N PRO F 26 -14.88 11.96 91.02
CA PRO F 26 -15.97 10.99 90.97
C PRO F 26 -17.06 11.34 91.98
N PRO F 27 -18.32 11.11 91.63
CA PRO F 27 -19.41 11.41 92.57
C PRO F 27 -19.42 10.48 93.77
N THR F 28 -19.95 10.98 94.88
CA THR F 28 -20.07 10.18 96.10
C THR F 28 -21.47 9.57 96.22
N GLU F 29 -22.51 10.37 96.03
CA GLU F 29 -23.89 9.92 96.09
C GLU F 29 -24.55 10.15 94.74
N LEU F 30 -25.24 9.14 94.23
CA LEU F 30 -25.88 9.22 92.92
C LEU F 30 -27.10 8.32 92.90
N VAL F 31 -28.00 8.61 91.96
CA VAL F 31 -29.22 7.82 91.78
C VAL F 31 -28.98 6.81 90.67
N CYS F 32 -28.61 7.30 89.48
CA CYS F 32 -28.28 6.45 88.35
C CYS F 32 -26.79 6.53 88.08
N ASN F 33 -26.19 5.39 87.72
CA ASN F 33 -24.74 5.29 87.60
C ASN F 33 -24.23 6.07 86.39
N ARG F 34 -22.92 6.32 86.39
CA ARG F 34 -22.25 7.04 85.33
C ARG F 34 -21.19 6.16 84.71
N THR F 35 -21.23 6.03 83.38
CA THR F 35 -20.27 5.24 82.62
C THR F 35 -19.83 6.04 81.40
N PHE F 36 -18.68 5.67 80.86
CA PHE F 36 -18.15 6.33 79.67
C PHE F 36 -18.89 5.88 78.43
N ASP F 37 -19.22 6.84 77.56
CA ASP F 37 -19.89 6.57 76.30
C ASP F 37 -19.05 7.10 75.15
N LYS F 38 -18.93 6.29 74.10
CA LYS F 38 -18.08 6.67 72.97
C LYS F 38 -18.68 7.81 72.16
N TYR F 39 -20.01 7.80 71.97
CA TYR F 39 -20.63 8.79 71.10
C TYR F 39 -20.61 10.18 71.72
N SER F 40 -20.99 10.29 72.99
CA SER F 40 -21.07 11.58 73.67
C SER F 40 -20.69 11.44 75.12
N CYS F 41 -20.08 12.48 75.66
CA CYS F 41 -19.71 12.57 77.07
C CYS F 41 -20.60 13.62 77.72
N TRP F 42 -21.59 13.17 78.47
CA TRP F 42 -22.56 14.06 79.13
C TRP F 42 -22.72 13.67 80.60
N PRO F 43 -21.72 14.01 81.44
CA PRO F 43 -21.86 13.78 82.88
C PRO F 43 -22.73 14.87 83.51
N ASP F 44 -23.96 14.51 83.86
CA ASP F 44 -24.93 15.45 84.39
C ASP F 44 -25.58 14.87 85.63
N THR F 45 -26.45 15.67 86.25
CA THR F 45 -27.18 15.22 87.43
C THR F 45 -28.19 14.14 87.04
N PRO F 46 -28.53 13.25 87.97
CA PRO F 46 -29.53 12.21 87.68
C PRO F 46 -30.91 12.79 87.38
N ALA F 47 -31.36 12.63 86.13
CA ALA F 47 -32.65 13.14 85.71
C ALA F 47 -33.14 12.31 84.53
N ASN F 48 -34.45 12.06 84.49
CA ASN F 48 -35.05 11.25 83.44
C ASN F 48 -35.53 12.16 82.32
N THR F 49 -34.77 12.21 81.22
CA THR F 49 -35.10 12.99 80.03
C THR F 49 -35.35 14.46 80.37
N THR F 50 -34.50 15.01 81.22
CA THR F 50 -34.61 16.40 81.64
C THR F 50 -33.35 17.22 81.37
N ALA F 51 -32.17 16.62 81.54
CA ALA F 51 -30.92 17.33 81.29
C ALA F 51 -30.74 17.59 79.80
N ASN F 52 -30.14 18.74 79.48
CA ASN F 52 -29.92 19.14 78.10
C ASN F 52 -28.50 18.79 77.67
N ILE F 53 -28.37 18.19 76.49
CA ILE F 53 -27.08 17.78 75.94
C ILE F 53 -26.97 18.37 74.53
N SER F 54 -25.85 19.01 74.24
CA SER F 54 -25.60 19.55 72.91
C SER F 54 -25.16 18.45 71.96
N CYS F 55 -25.36 18.69 70.67
CA CYS F 55 -24.90 17.75 69.66
C CYS F 55 -23.37 17.71 69.62
N PRO F 56 -22.80 16.54 69.33
CA PRO F 56 -21.34 16.45 69.21
C PRO F 56 -20.81 17.29 68.06
N TRP F 57 -19.61 17.83 68.26
CA TRP F 57 -19.01 18.73 67.28
C TRP F 57 -18.05 18.02 66.33
N TYR F 58 -17.84 16.71 66.49
CA TYR F 58 -16.96 15.97 65.58
C TYR F 58 -17.75 15.35 64.43
N LEU F 59 -18.56 16.17 63.78
CA LEU F 59 -19.42 15.73 62.69
C LEU F 59 -19.20 16.60 61.47
N PRO F 60 -19.45 16.07 60.26
CA PRO F 60 -19.38 16.92 59.07
C PRO F 60 -20.37 18.08 59.11
N TRP F 61 -21.54 17.87 59.69
CA TRP F 61 -22.51 18.94 59.90
C TRP F 61 -22.65 19.17 61.41
N HIS F 62 -22.44 20.40 61.84
CA HIS F 62 -22.51 20.73 63.25
C HIS F 62 -23.40 21.93 63.54
N HIS F 63 -23.40 22.94 62.65
CA HIS F 63 -24.19 24.14 62.90
C HIS F 63 -25.67 23.93 62.61
N LYS F 64 -26.03 22.88 61.86
CA LYS F 64 -27.43 22.66 61.53
C LYS F 64 -28.21 22.02 62.69
N VAL F 65 -27.51 21.47 63.69
CA VAL F 65 -28.15 20.81 64.81
C VAL F 65 -27.68 21.37 66.15
N GLN F 66 -26.91 22.45 66.14
CA GLN F 66 -26.41 23.04 67.37
C GLN F 66 -27.50 23.76 68.16
N HIS F 67 -28.62 24.09 67.53
CA HIS F 67 -29.72 24.77 68.20
C HIS F 67 -30.77 23.82 68.74
N ARG F 68 -30.58 22.51 68.58
CA ARG F 68 -31.54 21.52 69.03
C ARG F 68 -30.96 20.76 70.22
N PHE F 69 -31.77 20.60 71.27
CA PHE F 69 -31.37 19.92 72.48
C PHE F 69 -31.93 18.50 72.49
N VAL F 70 -31.09 17.53 72.85
CA VAL F 70 -31.49 16.13 72.90
C VAL F 70 -31.64 15.72 74.36
N PHE F 71 -32.71 14.97 74.65
CA PHE F 71 -32.99 14.49 75.99
C PHE F 71 -32.85 12.97 76.02
N LYS F 72 -32.02 12.48 76.95
CA LYS F 72 -31.75 11.05 77.07
C LYS F 72 -31.92 10.63 78.52
N ARG F 73 -32.54 9.47 78.72
CA ARG F 73 -32.71 8.93 80.06
C ARG F 73 -31.38 8.48 80.65
N CYS F 74 -31.22 8.67 81.94
CA CYS F 74 -29.97 8.31 82.61
C CYS F 74 -30.02 6.87 83.11
N GLY F 78 -29.94 3.53 86.39
CA GLY F 78 -28.55 3.16 86.58
C GLY F 78 -27.64 3.60 85.45
N GLN F 79 -27.31 2.67 84.57
CA GLN F 79 -26.45 2.97 83.43
C GLN F 79 -27.20 3.83 82.41
N TRP F 80 -26.44 4.54 81.58
CA TRP F 80 -27.02 5.55 80.70
C TRP F 80 -28.01 4.94 79.71
N VAL F 81 -27.60 3.90 78.98
CA VAL F 81 -28.45 3.30 77.96
C VAL F 81 -29.16 2.09 78.54
N ARG F 82 -29.16 1.97 79.87
CA ARG F 82 -29.91 0.91 80.54
C ARG F 82 -31.41 1.19 80.55
N GLY F 83 -31.85 2.38 80.14
CA GLY F 83 -33.25 2.70 80.03
C GLY F 83 -33.99 1.82 79.06
N PRO F 84 -33.47 1.64 77.84
CA PRO F 84 -34.00 0.62 76.94
C PRO F 84 -33.64 -0.81 77.30
N ARG F 85 -33.06 -1.04 78.47
CA ARG F 85 -32.69 -2.37 78.97
C ARG F 85 -31.73 -3.08 78.01
N GLY F 86 -30.75 -2.34 77.50
CA GLY F 86 -29.77 -2.92 76.61
C GLY F 86 -28.43 -2.23 76.65
N GLN F 87 -27.37 -3.01 76.85
CA GLN F 87 -26.02 -2.45 76.85
C GLN F 87 -25.60 -1.85 75.52
N PRO F 88 -25.76 -2.51 74.37
CA PRO F 88 -25.41 -1.85 73.10
C PRO F 88 -26.54 -1.09 72.43
N TRP F 89 -27.75 -1.09 73.00
CA TRP F 89 -28.85 -0.34 72.41
C TRP F 89 -28.64 1.17 72.62
N ARG F 90 -29.38 1.94 71.82
CA ARG F 90 -29.26 3.39 71.80
C ARG F 90 -30.64 4.02 71.93
N ASP F 91 -30.67 5.24 72.48
CA ASP F 91 -31.92 5.96 72.66
C ASP F 91 -32.54 6.33 71.32
N ALA F 92 -33.76 6.86 71.38
CA ALA F 92 -34.52 7.16 70.16
C ALA F 92 -34.17 8.52 69.56
N SER F 93 -33.69 9.47 70.36
CA SER F 93 -33.45 10.83 69.90
C SER F 93 -31.95 11.00 69.63
N GLN F 94 -31.63 11.44 68.40
CA GLN F 94 -30.26 11.67 67.98
C GLN F 94 -30.16 13.05 67.32
N CYS F 95 -28.99 13.32 66.75
CA CYS F 95 -28.74 14.58 66.03
C CYS F 95 -28.78 14.22 64.54
N GLN F 96 -29.99 14.24 63.98
CA GLN F 96 -30.24 13.68 62.66
C GLN F 96 -29.84 14.64 61.54
N MET F 97 -29.76 14.10 60.33
CA MET F 97 -29.45 14.84 59.12
C MET F 97 -30.75 15.28 58.44
N ASP F 98 -30.66 16.32 57.61
CA ASP F 98 -31.83 16.88 56.95
C ASP F 98 -32.47 15.86 56.01
N GLY F 99 -33.79 16.01 55.83
CA GLY F 99 -34.56 15.00 55.11
C GLY F 99 -34.21 14.88 53.64
N GLU F 100 -34.04 16.01 52.95
CA GLU F 100 -33.75 15.98 51.52
C GLU F 100 -32.31 15.62 51.20
N GLU F 101 -31.42 15.67 52.19
CA GLU F 101 -30.02 15.38 51.93
C GLU F 101 -29.79 13.92 51.54
N ILE F 102 -30.43 12.99 52.23
CA ILE F 102 -30.26 11.57 51.89
C ILE F 102 -30.83 11.28 50.52
N GLU F 103 -31.97 11.92 50.18
CA GLU F 103 -32.57 11.72 48.87
C GLU F 103 -31.68 12.26 47.75
N VAL F 104 -31.11 13.45 47.93
CA VAL F 104 -30.28 14.01 46.87
C VAL F 104 -28.96 13.25 46.75
N GLN F 105 -28.42 12.75 47.87
CA GLN F 105 -27.23 11.92 47.79
C GLN F 105 -27.52 10.60 47.09
N LYS F 106 -28.69 10.00 47.36
CA LYS F 106 -29.07 8.78 46.66
C LYS F 106 -29.23 9.03 45.16
N GLU F 107 -29.84 10.16 44.80
CA GLU F 107 -30.03 10.48 43.39
C GLU F 107 -28.69 10.68 42.68
N VAL F 108 -27.77 11.43 43.28
CA VAL F 108 -26.48 11.64 42.63
C VAL F 108 -25.66 10.34 42.62
N ALA F 109 -25.84 9.48 43.62
CA ALA F 109 -25.18 8.18 43.61
C ALA F 109 -25.69 7.32 42.47
N LYS F 110 -27.00 7.31 42.25
CA LYS F 110 -27.56 6.55 41.12
C LYS F 110 -27.07 7.11 39.80
N MET F 111 -27.01 8.44 39.67
CA MET F 111 -26.50 9.05 38.45
C MET F 111 -25.04 8.68 38.21
N TYR F 112 -24.23 8.71 39.27
CA TYR F 112 -22.82 8.34 39.14
C TYR F 112 -22.66 6.87 38.78
N SER F 113 -23.48 6.00 39.37
CA SER F 113 -23.41 4.58 39.04
C SER F 113 -23.80 4.32 37.58
N SER F 114 -24.85 5.00 37.10
CA SER F 114 -25.24 4.85 35.69
C SER F 114 -24.15 5.35 34.76
N PHE F 115 -23.54 6.50 35.09
CA PHE F 115 -22.45 7.04 34.27
C PHE F 115 -21.26 6.09 34.28
N GLN F 116 -20.97 5.50 35.45
CA GLN F 116 -19.83 4.62 35.58
C GLN F 116 -20.01 3.33 34.78
N VAL F 117 -21.19 2.72 34.87
CA VAL F 117 -21.41 1.50 34.09
C VAL F 117 -21.44 1.82 32.60
N MET F 118 -21.96 3.00 32.22
CA MET F 118 -21.98 3.39 30.82
C MET F 118 -20.55 3.52 30.27
N TYR F 119 -19.70 4.28 30.94
CA TYR F 119 -18.35 4.42 30.40
C TYR F 119 -17.51 3.18 30.62
N THR F 120 -17.87 2.31 31.58
CA THR F 120 -17.21 1.02 31.72
C THR F 120 -17.49 0.14 30.50
N VAL F 121 -18.76 0.08 30.08
CA VAL F 121 -19.10 -0.66 28.86
C VAL F 121 -18.40 -0.06 27.65
N GLY F 122 -18.37 1.28 27.57
CA GLY F 122 -17.70 1.95 26.47
C GLY F 122 -16.21 1.63 26.41
N TYR F 123 -15.52 1.70 27.56
CA TYR F 123 -14.10 1.39 27.60
C TYR F 123 -13.84 -0.09 27.35
N SER F 124 -14.74 -0.96 27.78
CA SER F 124 -14.57 -2.38 27.51
C SER F 124 -14.63 -2.67 26.01
N LEU F 125 -15.64 -2.12 25.33
CA LEU F 125 -15.73 -2.30 23.89
C LEU F 125 -14.56 -1.64 23.17
N SER F 126 -14.15 -0.45 23.61
CA SER F 126 -13.01 0.23 23.00
C SER F 126 -11.73 -0.57 23.15
N LEU F 127 -11.49 -1.12 24.35
CA LEU F 127 -10.30 -1.92 24.58
C LEU F 127 -10.32 -3.20 23.76
N GLY F 128 -11.50 -3.84 23.66
CA GLY F 128 -11.60 -5.03 22.82
C GLY F 128 -11.28 -4.74 21.37
N ALA F 129 -11.85 -3.66 20.83
CA ALA F 129 -11.58 -3.27 19.45
C ALA F 129 -10.11 -2.90 19.25
N LEU F 130 -9.52 -2.18 20.21
CA LEU F 130 -8.13 -1.76 20.08
C LEU F 130 -7.18 -2.95 20.13
N LEU F 131 -7.41 -3.90 21.03
CA LEU F 131 -6.57 -5.10 21.08
C LEU F 131 -6.75 -5.96 19.84
N LEU F 132 -7.99 -6.04 19.31
CA LEU F 132 -8.19 -6.77 18.06
C LEU F 132 -7.44 -6.13 16.91
N ALA F 133 -7.48 -4.79 16.83
CA ALA F 133 -6.77 -4.08 15.78
C ALA F 133 -5.26 -4.24 15.92
N LEU F 134 -4.75 -4.17 17.15
CA LEU F 134 -3.32 -4.35 17.39
C LEU F 134 -2.87 -5.77 17.09
N ALA F 135 -3.77 -6.75 17.30
CA ALA F 135 -3.42 -8.14 16.97
C ALA F 135 -3.41 -8.37 15.47
N ILE F 136 -4.35 -7.77 14.74
CA ILE F 136 -4.44 -8.01 13.30
C ILE F 136 -3.63 -7.04 12.46
N LEU F 137 -3.03 -6.01 13.06
CA LEU F 137 -2.20 -5.07 12.34
C LEU F 137 -0.83 -4.98 12.99
N GLY F 138 0.20 -4.88 12.15
CA GLY F 138 1.57 -4.75 12.63
C GLY F 138 2.28 -6.06 12.90
N GLY F 139 1.58 -7.19 12.81
CA GLY F 139 2.18 -8.49 13.01
C GLY F 139 2.52 -9.26 11.75
N LEU F 140 2.28 -8.67 10.58
CA LEU F 140 2.54 -9.34 9.32
C LEU F 140 3.65 -8.69 8.50
N SER F 141 4.03 -7.45 8.80
CA SER F 141 5.10 -6.73 8.12
C SER F 141 4.85 -6.62 6.62
N LYS F 142 3.72 -6.00 6.29
CA LYS F 142 3.34 -5.78 4.89
C LYS F 142 3.05 -4.31 4.59
N LEU F 143 2.40 -3.59 5.51
CA LEU F 143 2.05 -2.19 5.30
C LEU F 143 2.58 -1.30 6.41
N HIS F 144 3.56 -1.77 7.19
CA HIS F 144 4.10 -1.01 8.30
C HIS F 144 4.94 0.15 7.78
N CYS F 145 4.37 1.36 7.84
CA CYS F 145 5.09 2.57 7.45
C CYS F 145 5.04 3.59 8.58
N THR F 146 5.47 4.82 8.30
CA THR F 146 5.51 5.86 9.33
C THR F 146 4.10 6.19 9.84
N ARG F 147 3.14 6.33 8.93
CA ARG F 147 1.78 6.67 9.32
C ARG F 147 1.15 5.56 10.15
N ASN F 148 1.34 4.30 9.73
CA ASN F 148 0.80 3.19 10.50
C ASN F 148 1.53 3.03 11.83
N ALA F 149 2.83 3.37 11.88
CA ALA F 149 3.55 3.35 13.15
C ALA F 149 2.99 4.38 14.12
N ILE F 150 2.70 5.58 13.63
CA ILE F 150 2.12 6.61 14.49
C ILE F 150 0.71 6.21 14.92
N HIS F 151 -0.05 5.60 14.02
CA HIS F 151 -1.39 5.11 14.39
C HIS F 151 -1.32 4.03 15.46
N ALA F 152 -0.34 3.11 15.34
CA ALA F 152 -0.15 2.08 16.35
C ALA F 152 0.27 2.69 17.69
N ASN F 153 1.12 3.71 17.66
CA ASN F 153 1.49 4.40 18.88
C ASN F 153 0.30 5.07 19.54
N LEU F 154 -0.56 5.70 18.73
CA LEU F 154 -1.78 6.31 19.26
C LEU F 154 -2.71 5.25 19.87
N PHE F 155 -2.85 4.10 19.20
CA PHE F 155 -3.67 3.03 19.73
C PHE F 155 -3.10 2.49 21.04
N ALA F 156 -1.77 2.37 21.13
CA ALA F 156 -1.14 1.93 22.35
C ALA F 156 -1.36 2.93 23.48
N SER F 157 -1.31 4.23 23.16
CA SER F 157 -1.58 5.25 24.17
C SER F 157 -3.03 5.18 24.65
N PHE F 158 -3.97 4.96 23.73
CA PHE F 158 -5.37 4.77 24.11
C PHE F 158 -5.54 3.56 25.00
N VAL F 159 -4.86 2.45 24.66
CA VAL F 159 -4.94 1.23 25.46
C VAL F 159 -4.38 1.47 26.85
N LEU F 160 -3.25 2.18 26.95
CA LEU F 160 -2.65 2.48 28.24
C LEU F 160 -3.56 3.36 29.08
N LYS F 161 -4.19 4.37 28.47
CA LYS F 161 -5.10 5.24 29.21
C LYS F 161 -6.31 4.47 29.72
N ALA F 162 -6.90 3.62 28.87
CA ALA F 162 -8.05 2.84 29.28
C ALA F 162 -7.68 1.86 30.39
N SER F 163 -6.51 1.22 30.28
CA SER F 163 -6.07 0.29 31.30
C SER F 163 -5.82 0.99 32.62
N SER F 164 -5.22 2.18 32.58
CA SER F 164 -4.99 2.94 33.80
C SER F 164 -6.31 3.35 34.46
N VAL F 165 -7.29 3.78 33.64
CA VAL F 165 -8.60 4.15 34.17
C VAL F 165 -9.27 2.95 34.83
N LEU F 166 -9.23 1.79 34.15
CA LEU F 166 -9.84 0.59 34.72
C LEU F 166 -9.14 0.16 36.00
N VAL F 167 -7.80 0.26 36.04
CA VAL F 167 -7.05 -0.14 37.22
C VAL F 167 -7.37 0.76 38.41
N ILE F 168 -7.41 2.07 38.18
CA ILE F 168 -7.70 2.98 39.30
C ILE F 168 -9.16 2.82 39.74
N ASP F 169 -10.07 2.55 38.81
CA ASP F 169 -11.46 2.33 39.17
C ASP F 169 -11.60 1.08 40.04
N GLY F 170 -10.92 -0.01 39.64
CA GLY F 170 -10.96 -1.22 40.43
C GLY F 170 -10.33 -1.06 41.81
N LEU F 171 -9.20 -0.37 41.87
CA LEU F 171 -8.53 -0.13 43.15
C LEU F 171 -9.40 0.73 44.07
N LEU F 172 -10.02 1.78 43.53
CA LEU F 172 -10.91 2.62 44.33
C LEU F 172 -12.12 1.84 44.82
N ARG F 173 -12.69 1.00 43.95
CA ARG F 173 -13.84 0.18 44.35
C ARG F 173 -13.47 -0.80 45.46
N THR F 174 -12.33 -1.46 45.33
CA THR F 174 -11.90 -2.41 46.36
C THR F 174 -11.53 -1.69 47.66
N ARG F 175 -11.00 -0.48 47.57
CA ARG F 175 -10.60 0.25 48.77
C ARG F 175 -11.81 0.79 49.53
N TYR F 176 -12.79 1.33 48.82
CA TYR F 176 -13.97 1.92 49.46
C TYR F 176 -15.14 0.95 49.58
N SER F 177 -14.99 -0.30 49.14
CA SER F 177 -16.06 -1.27 49.29
C SER F 177 -16.18 -1.77 50.73
N GLN F 178 -15.05 -1.93 51.41
CA GLN F 178 -15.06 -2.40 52.79
C GLN F 178 -15.64 -1.34 53.72
N LYS F 179 -16.45 -1.78 54.67
CA LYS F 179 -17.05 -0.90 55.65
C LYS F 179 -16.11 -0.72 56.84
N ILE F 180 -16.59 -0.09 57.91
CA ILE F 180 -15.82 0.14 59.12
C ILE F 180 -16.48 -0.62 60.26
N GLY F 181 -15.69 -1.46 60.93
CA GLY F 181 -16.22 -2.25 62.03
C GLY F 181 -15.35 -2.22 63.27
N ASP F 182 -14.15 -1.65 63.15
CA ASP F 182 -13.22 -1.59 64.27
C ASP F 182 -12.36 -0.34 64.11
N ASP F 183 -11.82 0.13 65.25
CA ASP F 183 -10.96 1.29 65.24
C ASP F 183 -9.66 1.02 64.49
N LEU F 184 -9.11 -0.18 64.64
CA LEU F 184 -7.85 -0.52 63.96
C LEU F 184 -8.02 -0.55 62.46
N SER F 185 -9.19 -1.01 61.98
CA SER F 185 -9.43 -1.09 60.55
C SER F 185 -9.43 0.30 59.91
N VAL F 186 -10.18 1.24 60.47
CA VAL F 186 -10.19 2.59 59.92
C VAL F 186 -8.85 3.28 60.16
N SER F 187 -8.16 2.96 61.26
CA SER F 187 -6.86 3.57 61.53
C SER F 187 -5.83 3.17 60.49
N THR F 188 -5.81 1.89 60.11
CA THR F 188 -4.91 1.45 59.05
C THR F 188 -5.44 1.79 57.66
N TRP F 189 -6.73 2.11 57.54
CA TRP F 189 -7.25 2.58 56.27
C TRP F 189 -6.83 4.02 55.98
N LEU F 190 -6.83 4.88 57.00
CA LEU F 190 -6.42 6.26 56.82
C LEU F 190 -4.91 6.46 56.94
N SER F 191 -4.17 5.44 57.37
CA SER F 191 -2.73 5.55 57.52
C SER F 191 -2.03 5.42 56.17
N ASP F 192 -0.77 5.84 56.14
CA ASP F 192 0.03 5.75 54.94
C ASP F 192 0.47 4.30 54.70
N GLY F 193 0.88 4.03 53.47
CA GLY F 193 1.31 2.70 53.09
C GLY F 193 0.35 2.03 52.12
N ALA F 194 -0.94 2.21 52.34
CA ALA F 194 -1.98 1.68 51.46
C ALA F 194 -2.43 2.71 50.42
N VAL F 195 -1.85 3.91 50.42
CA VAL F 195 -2.22 4.95 49.48
C VAL F 195 -1.21 5.12 48.36
N ALA F 196 -0.08 4.41 48.41
CA ALA F 196 0.90 4.50 47.34
C ALA F 196 0.35 3.97 46.03
N GLY F 197 -0.43 2.90 46.09
CA GLY F 197 -1.08 2.39 44.88
C GLY F 197 -2.06 3.40 44.30
N CYS F 198 -2.83 4.06 45.15
CA CYS F 198 -3.75 5.11 44.69
C CYS F 198 -2.98 6.25 44.03
N ARG F 199 -1.87 6.67 44.63
CA ARG F 199 -1.09 7.76 44.07
C ARG F 199 -0.48 7.40 42.73
N VAL F 200 0.10 6.19 42.62
CA VAL F 200 0.72 5.80 41.36
C VAL F 200 -0.34 5.57 40.28
N ALA F 201 -1.53 5.08 40.66
CA ALA F 201 -2.60 4.93 39.68
C ALA F 201 -3.07 6.30 39.18
N ALA F 202 -3.18 7.28 40.08
CA ALA F 202 -3.60 8.62 39.66
C ALA F 202 -2.57 9.26 38.74
N VAL F 203 -1.29 9.17 39.10
CA VAL F 203 -0.27 9.78 38.25
C VAL F 203 -0.17 9.03 36.92
N PHE F 204 -0.42 7.72 36.92
CA PHE F 204 -0.36 6.95 35.69
C PHE F 204 -1.51 7.30 34.75
N MET F 205 -2.73 7.45 35.29
CA MET F 205 -3.85 7.82 34.43
C MET F 205 -3.70 9.24 33.91
N GLN F 206 -3.19 10.16 34.73
CA GLN F 206 -2.98 11.52 34.25
C GLN F 206 -1.91 11.56 33.17
N TYR F 207 -0.82 10.81 33.36
CA TYR F 207 0.24 10.74 32.35
C TYR F 207 -0.28 10.12 31.06
N GLY F 208 -1.11 9.08 31.16
CA GLY F 208 -1.67 8.47 29.97
C GLY F 208 -2.61 9.38 29.21
N ILE F 209 -3.45 10.12 29.93
CA ILE F 209 -4.37 11.06 29.28
C ILE F 209 -3.60 12.19 28.61
N VAL F 210 -2.57 12.70 29.29
CA VAL F 210 -1.75 13.76 28.70
C VAL F 210 -0.99 13.24 27.48
N ALA F 211 -0.53 11.98 27.54
CA ALA F 211 0.12 11.37 26.38
C ALA F 211 -0.84 11.19 25.22
N ASN F 212 -2.10 10.84 25.51
CA ASN F 212 -3.11 10.75 24.46
C ASN F 212 -3.36 12.11 23.80
N TYR F 213 -3.45 13.17 24.60
CA TYR F 213 -3.63 14.50 24.04
C TYR F 213 -2.41 14.92 23.21
N CYS F 214 -1.21 14.62 23.70
CA CYS F 214 0.00 14.93 22.95
C CYS F 214 0.08 14.16 21.65
N TRP F 215 -0.39 12.91 21.65
CA TRP F 215 -0.38 12.12 20.43
C TRP F 215 -1.44 12.61 19.44
N LEU F 216 -2.58 13.12 19.94
CA LEU F 216 -3.53 13.78 19.07
C LEU F 216 -2.92 15.02 18.42
N LEU F 217 -2.17 15.80 19.21
CA LEU F 217 -1.46 16.94 18.66
C LEU F 217 -0.42 16.52 17.63
N VAL F 218 0.26 15.40 17.88
CA VAL F 218 1.23 14.86 16.94
C VAL F 218 0.55 14.45 15.64
N GLU F 219 -0.62 13.81 15.74
CA GLU F 219 -1.39 13.46 14.54
C GLU F 219 -1.79 14.69 13.75
N GLY F 220 -2.26 15.74 14.45
CA GLY F 220 -2.61 16.97 13.75
C GLY F 220 -1.41 17.62 13.07
N LEU F 221 -0.26 17.65 13.75
CA LEU F 221 0.94 18.24 13.17
C LEU F 221 1.42 17.42 11.97
N TYR F 222 1.34 16.10 12.05
CA TYR F 222 1.72 15.25 10.93
C TYR F 222 0.80 15.46 9.74
N LEU F 223 -0.51 15.59 10.00
CA LEU F 223 -1.46 15.86 8.92
C LEU F 223 -1.17 17.21 8.26
N HIS F 224 -0.87 18.23 9.06
CA HIS F 224 -0.54 19.54 8.51
C HIS F 224 0.76 19.50 7.71
N ASN F 225 1.76 18.76 8.21
CA ASN F 225 3.03 18.64 7.50
C ASN F 225 2.85 17.91 6.17
N LEU F 226 2.01 16.88 6.15
CA LEU F 226 1.73 16.16 4.91
C LEU F 226 1.00 17.04 3.91
N LEU F 227 -0.10 17.67 4.34
CA LEU F 227 -0.79 18.62 3.47
C LEU F 227 -0.33 20.05 3.72
N GLY F 228 0.98 20.26 3.75
CA GLY F 228 1.56 21.59 3.78
C GLY F 228 2.85 21.67 2.99
N LEU F 229 3.18 20.59 2.29
CA LEU F 229 4.40 20.51 1.50
C LEU F 229 4.08 19.99 0.11
N ALA F 230 4.72 20.57 -0.91
CA ALA F 230 4.48 20.13 -2.27
C ALA F 230 5.11 18.78 -2.55
N THR F 231 6.26 18.50 -1.94
CA THR F 231 7.01 17.28 -2.18
C THR F 231 6.93 16.37 -0.96
N LEU F 232 7.35 15.12 -1.16
CA LEU F 232 7.40 14.16 -0.08
C LEU F 232 8.52 14.53 0.90
N PRO F 233 8.37 14.17 2.17
CA PRO F 233 9.47 14.38 3.12
C PRO F 233 10.69 13.57 2.73
N GLU F 234 11.88 14.14 2.99
CA GLU F 234 13.12 13.50 2.60
C GLU F 234 13.34 12.19 3.35
N ARG F 235 13.12 12.19 4.66
CA ARG F 235 13.35 11.00 5.47
C ARG F 235 12.33 10.96 6.60
N SER F 236 12.25 9.79 7.24
CA SER F 236 11.35 9.63 8.37
C SER F 236 11.79 10.51 9.53
N PHE F 237 10.81 11.02 10.27
CA PHE F 237 11.07 12.07 11.25
C PHE F 237 10.45 11.65 12.59
N PHE F 238 10.73 10.41 13.01
CA PHE F 238 10.13 9.86 14.22
C PHE F 238 10.61 10.55 15.50
N SER F 239 11.77 11.21 15.47
CA SER F 239 12.40 11.67 16.71
C SER F 239 11.55 12.72 17.41
N LEU F 240 11.16 13.78 16.69
CA LEU F 240 10.41 14.85 17.33
C LEU F 240 8.98 14.44 17.64
N TYR F 241 8.37 13.61 16.80
CA TYR F 241 7.04 13.11 17.09
C TYR F 241 7.03 12.26 18.36
N LEU F 242 8.03 11.39 18.51
CA LEU F 242 8.14 10.59 19.73
C LEU F 242 8.45 11.48 20.94
N GLY F 243 9.25 12.53 20.74
CA GLY F 243 9.53 13.44 21.83
C GLY F 243 8.29 14.19 22.31
N ILE F 244 7.44 14.63 21.38
CA ILE F 244 6.21 15.31 21.77
C ILE F 244 5.22 14.32 22.39
N GLY F 245 5.14 13.10 21.83
CA GLY F 245 4.16 12.15 22.33
C GLY F 245 4.53 11.52 23.66
N TRP F 246 5.83 11.38 23.94
CA TRP F 246 6.28 10.70 25.15
C TRP F 246 7.10 11.60 26.06
N GLY F 247 8.08 12.33 25.52
CA GLY F 247 8.91 13.18 26.36
C GLY F 247 8.18 14.39 26.91
N ALA F 248 7.34 15.02 26.09
CA ALA F 248 6.58 16.18 26.53
C ALA F 248 5.59 15.88 27.66
N PRO F 249 4.83 14.77 27.65
CA PRO F 249 3.94 14.51 28.79
C PRO F 249 4.62 14.43 30.15
N MET F 250 5.82 13.83 30.23
CA MET F 250 6.48 13.81 31.53
C MET F 250 7.13 15.14 31.86
N LEU F 251 7.24 16.04 30.88
CA LEU F 251 7.73 17.39 31.17
C LEU F 251 6.68 18.23 31.89
N PHE F 252 5.40 17.85 31.78
CA PHE F 252 4.31 18.57 32.41
C PHE F 252 3.72 17.84 33.61
N VAL F 253 3.55 16.52 33.51
CA VAL F 253 2.90 15.76 34.58
C VAL F 253 3.81 15.69 35.81
N VAL F 254 5.11 15.45 35.60
CA VAL F 254 6.03 15.26 36.72
C VAL F 254 6.15 16.51 37.60
N PRO F 255 6.30 17.74 37.06
CA PRO F 255 6.30 18.90 37.96
C PRO F 255 5.03 19.03 38.79
N TRP F 256 3.88 18.67 38.24
CA TRP F 256 2.63 18.72 39.01
C TRP F 256 2.70 17.77 40.20
N ALA F 257 3.20 16.55 39.98
CA ALA F 257 3.30 15.59 41.07
C ALA F 257 4.34 16.03 42.10
N VAL F 258 5.45 16.61 41.67
CA VAL F 258 6.49 17.02 42.61
C VAL F 258 6.04 18.20 43.45
N VAL F 259 5.50 19.24 42.81
CA VAL F 259 5.12 20.45 43.53
C VAL F 259 3.88 20.21 44.38
N LYS F 260 2.88 19.52 43.83
CA LYS F 260 1.61 19.36 44.53
C LYS F 260 1.77 18.50 45.78
N CYS F 261 2.58 17.44 45.70
CA CYS F 261 2.84 16.62 46.88
C CYS F 261 3.65 17.39 47.92
N LEU F 262 4.55 18.27 47.46
CA LEU F 262 5.35 19.07 48.38
C LEU F 262 4.51 20.14 49.07
N PHE F 263 3.54 20.71 48.35
CA PHE F 263 2.74 21.81 48.87
C PHE F 263 1.57 21.32 49.71
N GLU F 264 0.68 20.52 49.12
CA GLU F 264 -0.52 20.03 49.80
C GLU F 264 -0.68 18.55 49.47
N ASN F 265 -0.29 17.69 50.41
CA ASN F 265 -0.38 16.24 50.23
C ASN F 265 -1.80 15.79 50.50
N VAL F 266 -2.33 14.97 49.59
CA VAL F 266 -3.68 14.42 49.71
C VAL F 266 -3.56 12.92 49.83
N GLN F 267 -4.54 12.31 50.50
CA GLN F 267 -4.53 10.87 50.72
C GLN F 267 -4.58 10.11 49.40
N CYS F 268 -5.39 10.57 48.45
CA CYS F 268 -5.32 10.12 47.07
C CYS F 268 -5.18 11.34 46.16
N TRP F 269 -4.28 11.22 45.17
CA TRP F 269 -3.97 12.35 44.31
C TRP F 269 -5.10 12.69 43.34
N THR F 270 -6.13 11.86 43.24
CA THR F 270 -7.26 12.14 42.36
C THR F 270 -8.33 12.98 43.06
N SER F 271 -7.90 14.09 43.65
CA SER F 271 -8.80 15.02 44.33
C SER F 271 -8.14 16.39 44.30
N ASN F 272 -8.63 17.26 43.42
CA ASN F 272 -8.03 18.57 43.22
C ASN F 272 -8.76 19.61 44.09
N ASP F 273 -8.00 20.34 44.88
CA ASP F 273 -8.53 21.42 45.70
C ASP F 273 -8.05 22.79 45.24
N ASN F 274 -6.82 22.88 44.73
CA ASN F 274 -6.27 24.12 44.20
C ASN F 274 -6.39 24.09 42.68
N MET F 275 -6.98 25.14 42.11
CA MET F 275 -7.18 25.22 40.67
C MET F 275 -5.88 25.44 39.89
N GLY F 276 -4.82 25.90 40.56
CA GLY F 276 -3.55 26.08 39.85
C GLY F 276 -2.95 24.76 39.41
N PHE F 277 -2.99 23.75 40.29
CA PHE F 277 -2.47 22.43 39.93
C PHE F 277 -3.27 21.80 38.81
N TRP F 278 -4.60 21.98 38.83
CA TRP F 278 -5.44 21.51 37.74
C TRP F 278 -5.17 22.25 36.44
N TRP F 279 -4.95 23.57 36.48
CA TRP F 279 -4.63 24.32 35.28
C TRP F 279 -3.26 23.97 34.70
N ILE F 280 -2.30 23.58 35.54
CA ILE F 280 -1.00 23.12 35.05
C ILE F 280 -1.19 21.90 34.15
N LEU F 281 -2.05 20.97 34.56
CA LEU F 281 -2.31 19.79 33.75
C LEU F 281 -3.26 20.10 32.59
N ARG F 282 -4.11 21.13 32.74
CA ARG F 282 -5.03 21.51 31.67
C ARG F 282 -4.30 22.22 30.53
N PHE F 283 -3.16 22.84 30.83
CA PHE F 283 -2.43 23.58 29.79
C PHE F 283 -2.02 22.74 28.60
N PRO F 284 -1.46 21.52 28.76
CA PRO F 284 -1.27 20.66 27.58
C PRO F 284 -2.58 20.30 26.86
N VAL F 285 -3.68 20.17 27.60
CA VAL F 285 -4.97 19.89 26.97
C VAL F 285 -5.49 21.06 26.14
N PHE F 286 -5.35 22.29 26.63
CA PHE F 286 -5.86 23.47 25.93
C PHE F 286 -4.93 23.93 24.81
N LEU F 287 -3.72 23.34 24.71
CA LEU F 287 -2.84 23.60 23.58
C LEU F 287 -2.83 22.41 22.63
N ALA F 288 -3.69 21.43 22.87
CA ALA F 288 -3.88 20.32 21.93
C ALA F 288 -5.27 20.37 21.28
N ILE F 289 -6.00 21.46 21.48
CA ILE F 289 -7.34 21.61 20.92
C ILE F 289 -7.38 22.83 20.02
N LEU F 290 -6.82 23.95 20.49
CA LEU F 290 -6.86 25.19 19.72
C LEU F 290 -6.02 25.13 18.45
N ILE F 291 -4.94 24.35 18.45
CA ILE F 291 -4.12 24.16 17.26
C ILE F 291 -4.71 23.10 16.34
N ASN F 292 -5.24 22.02 16.92
CA ASN F 292 -5.88 20.98 16.13
C ASN F 292 -7.14 21.48 15.44
N PHE F 293 -7.88 22.41 16.05
CA PHE F 293 -9.02 23.02 15.39
C PHE F 293 -8.59 23.85 14.17
N PHE F 294 -7.49 24.60 14.30
CA PHE F 294 -6.96 25.34 13.16
C PHE F 294 -6.53 24.39 12.04
N ILE F 295 -5.88 23.28 12.42
CA ILE F 295 -5.48 22.27 11.42
C ILE F 295 -6.71 21.70 10.72
N PHE F 296 -7.76 21.40 11.49
CA PHE F 296 -8.99 20.88 10.92
C PHE F 296 -9.64 21.88 9.98
N VAL F 297 -9.64 23.16 10.37
CA VAL F 297 -10.22 24.21 9.52
C VAL F 297 -9.43 24.32 8.21
N ARG F 298 -8.10 24.26 8.29
CA ARG F 298 -7.29 24.32 7.08
C ARG F 298 -7.55 23.11 6.18
N ILE F 299 -7.71 21.93 6.78
CA ILE F 299 -7.97 20.72 5.99
C ILE F 299 -9.34 20.82 5.31
N VAL F 300 -10.35 21.30 6.02
CA VAL F 300 -11.68 21.45 5.42
C VAL F 300 -11.64 22.48 4.30
N GLN F 301 -10.92 23.58 4.49
CA GLN F 301 -10.80 24.58 3.44
C GLN F 301 -10.11 24.01 2.21
N LEU F 302 -9.04 23.24 2.41
CA LEU F 302 -8.35 22.61 1.29
C LEU F 302 -9.25 21.62 0.56
N LEU F 303 -10.03 20.83 1.31
CA LEU F 303 -10.96 19.89 0.69
C LEU F 303 -12.03 20.61 -0.11
N VAL F 304 -12.57 21.71 0.43
CA VAL F 304 -13.58 22.48 -0.29
C VAL F 304 -13.00 23.07 -1.56
N ALA F 305 -11.77 23.57 -1.49
CA ALA F 305 -11.11 24.10 -2.69
C ALA F 305 -10.86 22.99 -3.73
N LYS F 306 -10.47 21.80 -3.27
CA LYS F 306 -10.10 20.72 -4.19
C LYS F 306 -11.28 19.94 -4.73
N LEU F 307 -12.46 20.05 -4.13
CA LEU F 307 -13.64 19.33 -4.62
C LEU F 307 -14.56 20.19 -5.48
N ARG F 308 -14.11 21.37 -5.89
CA ARG F 308 -14.89 22.24 -6.75
C ARG F 308 -14.21 22.63 -8.05
N ALA F 309 -12.88 22.60 -8.09
CA ALA F 309 -12.16 23.04 -9.30
C ALA F 309 -12.11 21.94 -10.34
N ARG F 310 -11.52 20.79 -9.99
CA ARG F 310 -11.36 19.71 -10.97
C ARG F 310 -12.69 19.06 -11.30
N GLN F 311 -13.49 18.74 -10.29
CA GLN F 311 -14.76 18.05 -10.47
C GLN F 311 -15.90 18.98 -10.06
N MET F 312 -16.94 19.01 -10.88
CA MET F 312 -18.13 19.79 -10.56
C MET F 312 -18.84 19.20 -9.34
N HIS F 313 -19.49 20.07 -8.57
CA HIS F 313 -20.19 19.65 -7.37
C HIS F 313 -21.35 18.70 -7.71
N HIS F 314 -22.35 19.22 -8.42
CA HIS F 314 -23.53 18.45 -8.83
C HIS F 314 -24.23 17.81 -7.64
N THR F 315 -24.26 18.54 -6.51
CA THR F 315 -24.98 18.20 -5.28
C THR F 315 -24.33 16.99 -4.59
N ASP F 316 -23.34 16.37 -5.23
CA ASP F 316 -22.67 15.20 -4.67
C ASP F 316 -21.51 15.57 -3.75
N TYR F 317 -21.10 16.83 -3.72
CA TYR F 317 -19.99 17.24 -2.86
C TYR F 317 -20.40 17.30 -1.39
N LYS F 318 -21.69 17.52 -1.11
CA LYS F 318 -22.15 17.61 0.26
C LYS F 318 -21.97 16.30 1.00
N PHE F 319 -22.26 15.17 0.34
CA PHE F 319 -22.09 13.86 0.97
C PHE F 319 -20.62 13.59 1.26
N ARG F 320 -19.73 13.94 0.33
CA ARG F 320 -18.30 13.74 0.55
C ARG F 320 -17.80 14.61 1.70
N LEU F 321 -18.26 15.87 1.76
CA LEU F 321 -17.85 16.75 2.86
C LEU F 321 -18.36 16.22 4.20
N ALA F 322 -19.60 15.75 4.24
CA ALA F 322 -20.16 15.20 5.48
C ALA F 322 -19.40 13.95 5.92
N LYS F 323 -19.07 13.07 4.97
CA LYS F 323 -18.32 11.86 5.31
C LYS F 323 -16.92 12.21 5.80
N SER F 324 -16.27 13.18 5.16
CA SER F 324 -14.94 13.60 5.61
C SER F 324 -14.98 14.20 7.00
N THR F 325 -15.99 15.04 7.28
CA THR F 325 -16.13 15.60 8.62
C THR F 325 -16.40 14.52 9.65
N LEU F 326 -17.25 13.55 9.32
CA LEU F 326 -17.58 12.49 10.26
C LEU F 326 -16.40 11.56 10.52
N THR F 327 -15.55 11.35 9.53
CA THR F 327 -14.37 10.51 9.73
C THR F 327 -13.17 11.28 10.24
N LEU F 328 -13.23 12.61 10.27
CA LEU F 328 -12.12 13.43 10.76
C LEU F 328 -12.35 13.98 12.16
N ILE F 329 -13.59 14.13 12.60
CA ILE F 329 -13.85 14.64 13.95
C ILE F 329 -13.30 13.75 15.05
N PRO F 330 -13.57 12.43 15.08
CA PRO F 330 -13.05 11.63 16.21
C PRO F 330 -11.55 11.49 16.24
N LEU F 331 -10.88 11.51 15.09
CA LEU F 331 -9.43 11.34 15.08
C LEU F 331 -8.72 12.56 15.67
N LEU F 332 -9.13 13.76 15.28
CA LEU F 332 -8.49 14.98 15.76
C LEU F 332 -9.03 15.47 17.10
N GLY F 333 -10.16 14.92 17.57
CA GLY F 333 -10.72 15.34 18.84
C GLY F 333 -11.16 16.80 18.86
N VAL F 334 -11.84 17.25 17.80
CA VAL F 334 -12.30 18.63 17.72
C VAL F 334 -13.71 18.83 18.25
N HIS F 335 -14.40 17.75 18.62
CA HIS F 335 -15.78 17.88 19.09
C HIS F 335 -15.87 18.25 20.57
N GLU F 336 -14.76 18.26 21.30
CA GLU F 336 -14.76 18.73 22.68
C GLU F 336 -14.52 20.23 22.81
N VAL F 337 -14.36 20.95 21.71
CA VAL F 337 -14.08 22.38 21.80
C VAL F 337 -15.32 23.15 22.23
N VAL F 338 -16.51 22.61 21.97
CA VAL F 338 -17.75 23.28 22.36
C VAL F 338 -17.94 23.23 23.88
N PHE F 339 -17.47 22.15 24.51
CA PHE F 339 -17.58 22.02 25.96
C PHE F 339 -16.39 22.60 26.70
N ALA F 340 -15.24 22.76 26.03
CA ALA F 340 -14.05 23.29 26.68
C ALA F 340 -14.04 24.81 26.77
N PHE F 341 -15.03 25.48 26.15
CA PHE F 341 -15.09 26.94 26.24
C PHE F 341 -15.36 27.41 27.66
N VAL F 342 -16.24 26.72 28.37
CA VAL F 342 -16.59 27.08 29.73
C VAL F 342 -15.83 26.18 30.70
N THR F 343 -15.22 26.79 31.72
CA THR F 343 -14.47 26.03 32.71
C THR F 343 -15.41 25.29 33.65
N ASP F 344 -14.88 24.25 34.31
CA ASP F 344 -15.69 23.48 35.24
C ASP F 344 -15.89 24.21 36.57
N GLU F 345 -15.09 25.23 36.86
CA GLU F 345 -15.26 25.98 38.09
C GLU F 345 -16.56 26.76 38.10
N HIS F 346 -16.91 27.39 36.98
CA HIS F 346 -18.12 28.20 36.86
C HIS F 346 -19.17 27.39 36.10
N ALA F 347 -19.91 26.56 36.83
CA ALA F 347 -20.95 25.74 36.22
C ALA F 347 -21.93 25.31 37.30
N GLN F 348 -23.22 25.55 37.07
CA GLN F 348 -24.24 25.07 37.99
C GLN F 348 -24.38 23.56 37.88
N GLY F 349 -25.05 22.98 38.88
CA GLY F 349 -25.12 21.54 39.04
C GLY F 349 -25.71 20.76 37.87
N THR F 350 -26.86 21.21 37.36
CA THR F 350 -27.47 20.54 36.22
C THR F 350 -26.60 20.69 34.97
N LEU F 351 -26.11 21.90 34.71
CA LEU F 351 -25.25 22.12 33.55
C LEU F 351 -23.94 21.35 33.66
N ARG F 352 -23.35 21.32 34.86
CA ARG F 352 -22.12 20.55 35.05
C ARG F 352 -22.35 19.07 34.85
N SER F 353 -23.47 18.54 35.37
CA SER F 353 -23.78 17.12 35.19
C SER F 353 -24.00 16.79 33.72
N ALA F 354 -24.73 17.64 33.00
CA ALA F 354 -24.96 17.40 31.57
C ALA F 354 -23.65 17.47 30.78
N LYS F 355 -22.81 18.46 31.09
CA LYS F 355 -21.53 18.60 30.41
C LYS F 355 -20.63 17.40 30.66
N LEU F 356 -20.60 16.93 31.92
CA LEU F 356 -19.83 15.73 32.25
C LEU F 356 -20.37 14.51 31.51
N PHE F 357 -21.70 14.39 31.42
CA PHE F 357 -22.31 13.27 30.72
C PHE F 357 -21.92 13.25 29.25
N PHE F 358 -22.05 14.39 28.57
CA PHE F 358 -21.69 14.46 27.16
C PHE F 358 -20.19 14.23 26.94
N ASP F 359 -19.34 14.79 27.82
CA ASP F 359 -17.90 14.59 27.66
C ASP F 359 -17.53 13.13 27.83
N LEU F 360 -18.10 12.46 28.85
CA LEU F 360 -17.81 11.05 29.06
C LEU F 360 -18.35 10.19 27.93
N PHE F 361 -19.53 10.54 27.41
CA PHE F 361 -20.11 9.79 26.29
C PHE F 361 -19.25 9.93 25.04
N LEU F 362 -18.75 11.13 24.78
CA LEU F 362 -17.96 11.35 23.56
C LEU F 362 -16.57 10.73 23.68
N SER F 363 -15.93 10.88 24.85
CA SER F 363 -14.56 10.40 25.01
C SER F 363 -14.49 8.89 25.27
N SER F 364 -15.56 8.28 25.81
CA SER F 364 -15.51 6.87 26.13
C SER F 364 -15.54 6.00 24.87
N PHE F 365 -16.23 6.45 23.83
CA PHE F 365 -16.31 5.73 22.57
C PHE F 365 -15.34 6.25 21.52
N GLN F 366 -14.42 7.14 21.92
CA GLN F 366 -13.43 7.67 20.98
C GLN F 366 -12.52 6.58 20.46
N GLY F 367 -11.95 5.78 21.36
CA GLY F 367 -11.02 4.74 20.94
C GLY F 367 -11.67 3.70 20.06
N LEU F 368 -12.87 3.25 20.46
CA LEU F 368 -13.63 2.32 19.64
C LEU F 368 -13.96 2.88 18.26
N LEU F 369 -14.40 4.13 18.18
CA LEU F 369 -14.75 4.75 16.90
C LEU F 369 -13.52 4.83 15.99
N VAL F 370 -12.41 5.34 16.52
CA VAL F 370 -11.22 5.51 15.68
C VAL F 370 -10.65 4.17 15.26
N ALA F 371 -10.68 3.18 16.17
CA ALA F 371 -10.19 1.85 15.83
C ALA F 371 -11.04 1.20 14.74
N VAL F 372 -12.36 1.25 14.91
CA VAL F 372 -13.26 0.64 13.93
C VAL F 372 -13.09 1.32 12.57
N LEU F 373 -13.07 2.66 12.56
CA LEU F 373 -12.92 3.41 11.32
C LEU F 373 -11.61 3.07 10.63
N TYR F 374 -10.48 3.39 11.27
CA TYR F 374 -9.18 3.24 10.64
C TYR F 374 -8.68 1.80 10.64
N CYS F 375 -9.50 0.82 11.02
CA CYS F 375 -9.13 -0.59 10.88
C CYS F 375 -10.03 -1.35 9.91
N PHE F 376 -11.30 -0.99 9.79
CA PHE F 376 -12.21 -1.70 8.89
C PHE F 376 -12.63 -0.87 7.69
N LEU F 377 -12.87 0.44 7.87
CA LEU F 377 -13.20 1.28 6.74
C LEU F 377 -11.96 1.66 5.92
N ASN F 378 -10.77 1.44 6.45
CA ASN F 378 -9.56 1.62 5.67
C ASN F 378 -9.47 0.53 4.60
N LYS F 379 -9.11 0.94 3.38
CA LYS F 379 -9.09 0.00 2.26
C LYS F 379 -7.90 -0.95 2.35
N GLU F 380 -6.77 -0.47 2.88
CA GLU F 380 -5.54 -1.26 2.87
C GLU F 380 -5.66 -2.50 3.75
N VAL F 381 -6.19 -2.34 4.97
CA VAL F 381 -6.28 -3.47 5.90
C VAL F 381 -7.28 -4.50 5.39
N GLN F 382 -8.44 -4.07 4.95
CA GLN F 382 -9.45 -4.98 4.43
C GLN F 382 -9.03 -5.64 3.12
N SER F 383 -8.22 -4.98 2.30
CA SER F 383 -7.67 -5.60 1.11
C SER F 383 -6.56 -6.59 1.42
N GLU F 384 -5.76 -6.32 2.45
CA GLU F 384 -4.76 -7.28 2.90
C GLU F 384 -5.40 -8.52 3.51
N LEU F 385 -6.51 -8.36 4.23
CA LEU F 385 -7.18 -9.50 4.86
C LEU F 385 -7.71 -10.49 3.85
N ARG F 386 -8.22 -10.02 2.70
CA ARG F 386 -8.73 -10.93 1.69
C ARG F 386 -7.64 -11.81 1.11
N ARG F 387 -6.42 -11.28 0.95
CA ARG F 387 -5.32 -12.09 0.45
C ARG F 387 -4.98 -13.23 1.40
N ARG F 388 -4.93 -12.95 2.70
CA ARG F 388 -4.66 -14.00 3.68
C ARG F 388 -5.81 -15.00 3.75
N TRP F 389 -7.05 -14.51 3.63
CA TRP F 389 -8.19 -15.43 3.62
C TRP F 389 -8.15 -16.35 2.41
N HIS F 390 -7.78 -15.82 1.25
CA HIS F 390 -7.65 -16.64 0.05
C HIS F 390 -6.50 -17.64 0.19
N ARG F 391 -5.40 -17.21 0.82
CA ARG F 391 -4.29 -18.14 1.07
C ARG F 391 -4.72 -19.27 1.99
N TRP F 392 -5.49 -18.97 3.02
CA TRP F 392 -5.99 -20.01 3.91
C TRP F 392 -6.98 -20.93 3.19
N ARG F 393 -7.84 -20.35 2.34
CA ARG F 393 -8.82 -21.15 1.61
C ARG F 393 -8.15 -22.07 0.60
N LEU F 394 -7.06 -21.63 -0.03
CA LEU F 394 -6.36 -22.47 -1.00
C LEU F 394 -5.78 -23.71 -0.34
N GLY F 395 -5.19 -23.56 0.84
CA GLY F 395 -4.61 -24.68 1.56
C GLY F 395 -5.65 -25.58 2.21
O01 D6M G . -19.48 -1.69 40.35
C02 D6M G . -19.92 -1.14 39.35
N03 D6M G . -20.42 0.11 39.41
C04 D6M G . -20.79 0.72 40.71
C05 D6M G . -20.62 2.27 40.75
C06 D6M G . -19.81 2.80 41.97
C07 D6M G . -19.91 4.33 42.14
O08 D6M G . -21.02 4.84 42.04
C09 D6M G . -22.16 0.09 41.14
O10 D6M G . -21.95 -0.40 42.44
O11 D6M G . -23.21 0.99 41.16
C12 D6M G . -19.92 -1.89 38.02
C13 D6M G . -18.53 -1.94 37.35
C14 D6M G . -17.43 -2.80 38.04
C15 D6M G . -16.05 -2.42 37.49
C16 D6M G . -15.79 -3.05 36.13
C17 D6M G . -14.54 -2.46 35.49
C18 D6M G . -13.33 -2.53 36.43
C19 D6M G . -12.77 -3.94 36.51
C20 D6M G . -11.72 -4.04 37.61
C21 D6M G . -10.99 -5.38 37.56
C22 D6M G . -10.03 -5.43 36.37
C23 D6M G . -8.94 -4.37 36.51
C24 D6M G . -7.93 -4.47 35.37
C25 D6M G . -8.60 -4.25 34.02
C26 D6M G . -7.58 -4.33 32.89
#